data_9LL3
#
_entry.id   9LL3
#
_cell.length_a   98.560
_cell.length_b   179.960
_cell.length_c   133.580
_cell.angle_alpha   90.00
_cell.angle_beta   90.00
_cell.angle_gamma   90.00
#
_symmetry.space_group_name_H-M   'C 2 2 21'
#
loop_
_entity.id
_entity.type
_entity.pdbx_description
1 polymer 'Fructose-6-phosphate aldolase'
2 non-polymer 'FRUCTOSE -6-PHOSPHATE'
3 water water
#
_entity_poly.entity_id   1
_entity_poly.type   'polypeptide(L)'
_entity_poly.pdbx_seq_one_letter_code
;MGSSHHHHHHSSGLVPRGSHSMELYLDTSDVAAVKKLARIFPLAGVTTNPSIVAAGKTPLDELLPALHDALGGKGRLFAQ
VMATTAEGMVEDARKLRAIINDLVVKVPVTVEGLAAIKMLKAEGIPTLGTAVYGAAQGMLSALAGAEYVAPYVNRVDAQG
GDGIQTVIELQQLLTLHAPQSKVLAASFKTPRQALDCLLAGCESITLPLDVAQQFITSPAVDAAIVKFEQDWQGAFGRTS
I
;
_entity_poly.pdbx_strand_id   A,B,C,D,E
#
loop_
_chem_comp.id
_chem_comp.type
_chem_comp.name
_chem_comp.formula
F6R non-polymer 'FRUCTOSE -6-PHOSPHATE' 'C6 H13 O9 P'
#
# COMPACT_ATOMS: atom_id res chain seq x y z
N MET A 22 12.86 0.53 -17.24
CA MET A 22 12.11 -0.01 -18.40
C MET A 22 13.09 -0.41 -19.49
N GLU A 23 12.89 -1.60 -20.06
CA GLU A 23 13.58 -2.05 -21.27
C GLU A 23 12.58 -2.09 -22.42
N LEU A 24 12.81 -1.22 -23.42
CA LEU A 24 11.94 -1.10 -24.59
C LEU A 24 12.59 -1.81 -25.78
N TYR A 25 11.90 -2.81 -26.33
CA TYR A 25 12.38 -3.58 -27.47
C TYR A 25 11.43 -3.40 -28.65
N LEU A 26 11.99 -3.53 -29.86
CA LEU A 26 11.22 -3.71 -31.08
C LEU A 26 11.12 -5.20 -31.39
N ASP A 27 9.97 -5.58 -31.95
CA ASP A 27 9.68 -6.96 -32.30
C ASP A 27 9.65 -7.08 -33.83
N THR A 28 10.80 -7.41 -34.43
CA THR A 28 11.03 -7.17 -35.86
C THR A 28 12.27 -7.91 -36.36
N SER A 29 12.27 -8.22 -37.67
CA SER A 29 13.47 -8.62 -38.40
C SER A 29 13.80 -7.59 -39.48
N ASP A 30 13.18 -6.41 -39.41
CA ASP A 30 13.38 -5.36 -40.41
C ASP A 30 14.55 -4.50 -39.97
N VAL A 31 15.75 -4.80 -40.51
CA VAL A 31 17.00 -4.19 -40.08
C VAL A 31 16.98 -2.67 -40.31
N ALA A 32 16.55 -2.24 -41.51
CA ALA A 32 16.52 -0.83 -41.85
C ALA A 32 15.55 -0.07 -40.93
N ALA A 33 14.41 -0.68 -40.59
CA ALA A 33 13.48 -0.07 -39.65
C ALA A 33 14.13 0.10 -38.27
N VAL A 34 14.91 -0.88 -37.84
CA VAL A 34 15.56 -0.81 -36.53
C VAL A 34 16.56 0.35 -36.51
N LYS A 35 17.34 0.49 -37.59
CA LYS A 35 18.35 1.54 -37.69
C LYS A 35 17.69 2.92 -37.59
N LYS A 36 16.57 3.09 -38.30
CA LYS A 36 15.79 4.32 -38.30
C LYS A 36 15.23 4.63 -36.92
N LEU A 37 14.61 3.63 -36.27
CA LEU A 37 13.86 3.86 -35.04
C LEU A 37 14.81 3.97 -33.84
N ALA A 38 16.04 3.47 -33.99
CA ALA A 38 17.03 3.46 -32.92
C ALA A 38 17.45 4.87 -32.54
N ARG A 39 17.38 5.82 -33.48
CA ARG A 39 17.69 7.22 -33.19
C ARG A 39 16.47 7.96 -32.62
N ILE A 40 15.29 7.33 -32.64
CA ILE A 40 14.05 7.93 -32.13
C ILE A 40 13.80 7.44 -30.71
N PHE A 41 13.63 6.12 -30.56
CA PHE A 41 13.30 5.49 -29.29
C PHE A 41 14.59 5.24 -28.49
N PRO A 42 14.51 5.21 -27.14
CA PRO A 42 15.57 4.63 -26.31
C PRO A 42 15.45 3.10 -26.24
N LEU A 43 15.96 2.42 -27.28
CA LEU A 43 15.79 0.97 -27.42
C LEU A 43 16.79 0.24 -26.51
N ALA A 44 16.33 -0.85 -25.89
CA ALA A 44 17.18 -1.79 -25.17
C ALA A 44 17.69 -2.89 -26.09
N GLY A 45 16.98 -3.09 -27.22
CA GLY A 45 17.39 -4.07 -28.23
C GLY A 45 16.21 -4.50 -29.11
N VAL A 46 16.30 -5.74 -29.61
CA VAL A 46 15.30 -6.32 -30.51
C VAL A 46 15.02 -7.76 -30.08
N THR A 47 13.73 -8.13 -30.12
CA THR A 47 13.29 -9.51 -30.02
C THR A 47 12.93 -10.05 -31.40
N THR A 48 13.15 -11.35 -31.57
CA THR A 48 12.68 -12.11 -32.71
C THR A 48 11.96 -13.35 -32.21
N ASN A 49 11.11 -13.90 -33.08
CA ASN A 49 10.57 -15.24 -32.93
C ASN A 49 10.63 -15.90 -34.30
N PRO A 50 10.33 -17.21 -34.42
CA PRO A 50 10.49 -17.91 -35.68
C PRO A 50 9.67 -17.33 -36.84
N SER A 51 8.46 -16.84 -36.57
CA SER A 51 7.61 -16.25 -37.61
C SER A 51 8.18 -14.92 -38.09
N ILE A 52 8.68 -14.11 -37.15
CA ILE A 52 9.27 -12.80 -37.46
C ILE A 52 10.53 -12.98 -38.30
N VAL A 53 11.37 -13.95 -37.93
CA VAL A 53 12.58 -14.26 -38.69
C VAL A 53 12.20 -14.76 -40.09
N ALA A 54 11.22 -15.67 -40.15
CA ALA A 54 10.76 -16.25 -41.41
C ALA A 54 10.27 -15.17 -42.35
N ALA A 55 9.56 -14.17 -41.81
CA ALA A 55 8.98 -13.09 -42.59
C ALA A 55 10.08 -12.29 -43.30
N GLY A 56 11.23 -12.13 -42.64
CA GLY A 56 12.34 -11.35 -43.18
C GLY A 56 13.22 -12.15 -44.15
N LYS A 57 13.05 -13.48 -44.18
CA LYS A 57 13.70 -14.36 -45.16
C LYS A 57 15.22 -14.40 -44.99
N THR A 58 15.75 -13.80 -43.92
CA THR A 58 17.19 -13.80 -43.67
C THR A 58 17.47 -14.78 -42.52
N PRO A 59 18.44 -15.71 -42.68
CA PRO A 59 18.80 -16.62 -41.60
C PRO A 59 19.45 -15.90 -40.42
N LEU A 60 19.41 -16.54 -39.24
CA LEU A 60 19.79 -15.91 -37.98
C LEU A 60 21.25 -15.49 -38.00
N ASP A 61 22.12 -16.32 -38.61
CA ASP A 61 23.55 -16.08 -38.53
C ASP A 61 23.88 -14.81 -39.30
N GLU A 62 22.93 -14.34 -40.13
CA GLU A 62 23.06 -13.08 -40.83
C GLU A 62 22.25 -11.98 -40.15
N LEU A 63 21.00 -12.30 -39.79
CA LEU A 63 20.08 -11.30 -39.26
C LEU A 63 20.63 -10.72 -37.96
N LEU A 64 21.04 -11.60 -37.03
CA LEU A 64 21.29 -11.18 -35.66
C LEU A 64 22.46 -10.21 -35.62
N PRO A 65 23.59 -10.46 -36.32
CA PRO A 65 24.66 -9.48 -36.44
C PRO A 65 24.21 -8.15 -37.04
N ALA A 66 23.34 -8.23 -38.06
CA ALA A 66 22.81 -7.04 -38.75
C ALA A 66 21.97 -6.19 -37.80
N LEU A 67 21.16 -6.85 -36.94
CA LEU A 67 20.34 -6.17 -35.94
C LEU A 67 21.24 -5.49 -34.91
N HIS A 68 22.23 -6.25 -34.42
CA HIS A 68 23.22 -5.74 -33.48
C HIS A 68 23.85 -4.46 -34.03
N ASP A 69 24.22 -4.49 -35.32
CA ASP A 69 24.80 -3.35 -36.01
C ASP A 69 23.80 -2.19 -36.11
N ALA A 70 22.54 -2.49 -36.48
CA ALA A 70 21.53 -1.45 -36.69
C ALA A 70 21.25 -0.65 -35.40
N LEU A 71 21.50 -1.28 -34.25
CA LEU A 71 21.22 -0.69 -32.96
C LEU A 71 22.36 0.25 -32.55
N GLY A 72 23.46 0.26 -33.34
CA GLY A 72 24.64 1.05 -33.04
C GLY A 72 25.74 0.21 -32.38
N GLY A 73 25.69 -1.11 -32.58
CA GLY A 73 26.70 -2.03 -32.08
C GLY A 73 26.53 -2.32 -30.59
N LYS A 74 25.28 -2.31 -30.11
CA LYS A 74 24.99 -2.52 -28.70
C LYS A 74 23.61 -3.17 -28.55
N GLY A 75 23.15 -3.32 -27.30
CA GLY A 75 21.79 -3.74 -27.00
C GLY A 75 21.66 -5.25 -26.88
N ARG A 76 20.48 -5.70 -26.42
CA ARG A 76 20.21 -7.10 -26.13
C ARG A 76 19.30 -7.68 -27.21
N LEU A 77 19.71 -8.83 -27.76
CA LEU A 77 18.94 -9.54 -28.77
C LEU A 77 18.32 -10.79 -28.14
N PHE A 78 17.15 -11.17 -28.66
CA PHE A 78 16.44 -12.38 -28.28
C PHE A 78 16.19 -13.21 -29.54
N ALA A 79 16.44 -14.53 -29.45
CA ALA A 79 16.02 -15.46 -30.50
C ALA A 79 15.61 -16.80 -29.91
N GLN A 80 14.76 -17.54 -30.65
CA GLN A 80 14.03 -18.68 -30.11
C GLN A 80 14.61 -19.98 -30.66
N VAL A 81 14.66 -21.00 -29.79
CA VAL A 81 15.01 -22.36 -30.17
C VAL A 81 13.88 -22.94 -31.04
N MET A 82 14.24 -23.99 -31.81
CA MET A 82 13.29 -24.65 -32.71
C MET A 82 13.10 -26.12 -32.35
N ALA A 83 14.09 -26.75 -31.70
CA ALA A 83 14.04 -28.17 -31.33
C ALA A 83 12.87 -28.46 -30.37
N THR A 84 12.47 -29.75 -30.27
CA THR A 84 11.31 -30.15 -29.50
C THR A 84 11.66 -31.02 -28.28
N THR A 85 12.93 -31.39 -28.10
CA THR A 85 13.38 -32.05 -26.87
C THR A 85 14.24 -31.08 -26.06
N ALA A 86 14.38 -31.32 -24.75
CA ALA A 86 15.15 -30.44 -23.89
C ALA A 86 16.62 -30.40 -24.35
N GLU A 87 17.17 -31.57 -24.69
CA GLU A 87 18.56 -31.69 -25.11
C GLU A 87 18.77 -30.94 -26.43
N GLY A 88 17.79 -31.06 -27.34
CA GLY A 88 17.81 -30.34 -28.61
C GLY A 88 17.82 -28.83 -28.40
N MET A 89 16.99 -28.36 -27.45
CA MET A 89 16.84 -26.93 -27.18
C MET A 89 18.13 -26.36 -26.59
N VAL A 90 18.79 -27.15 -25.74
CA VAL A 90 20.09 -26.77 -25.19
C VAL A 90 21.09 -26.63 -26.33
N GLU A 91 21.08 -27.57 -27.28
CA GLU A 91 21.98 -27.52 -28.42
C GLU A 91 21.70 -26.26 -29.25
N ASP A 92 20.42 -25.93 -29.45
CA ASP A 92 20.01 -24.74 -30.18
C ASP A 92 20.51 -23.48 -29.47
N ALA A 93 20.43 -23.50 -28.13
CA ALA A 93 20.80 -22.36 -27.31
C ALA A 93 22.28 -22.06 -27.48
N ARG A 94 23.11 -23.11 -27.48
CA ARG A 94 24.53 -22.97 -27.73
C ARG A 94 24.77 -22.37 -29.12
N LYS A 95 24.05 -22.84 -30.13
CA LYS A 95 24.24 -22.33 -31.50
C LYS A 95 23.87 -20.85 -31.55
N LEU A 96 22.75 -20.47 -30.93
CA LEU A 96 22.31 -19.07 -30.91
C LEU A 96 23.34 -18.20 -30.18
N ARG A 97 23.86 -18.68 -29.05
CA ARG A 97 24.82 -17.93 -28.26
C ARG A 97 26.16 -17.78 -29.00
N ALA A 98 26.50 -18.73 -29.89
CA ALA A 98 27.70 -18.60 -30.70
C ALA A 98 27.53 -17.51 -31.75
N ILE A 99 26.28 -17.28 -32.21
CA ILE A 99 25.98 -16.21 -33.16
C ILE A 99 26.09 -14.86 -32.46
N ILE A 100 25.40 -14.72 -31.31
CA ILE A 100 25.45 -13.54 -30.47
C ILE A 100 25.76 -13.98 -29.04
N ASN A 101 26.96 -13.63 -28.55
CA ASN A 101 27.50 -14.22 -27.33
C ASN A 101 26.64 -13.85 -26.11
N ASP A 102 25.96 -12.68 -26.16
CA ASP A 102 25.24 -12.13 -25.02
C ASP A 102 23.72 -12.22 -25.22
N LEU A 103 23.29 -13.02 -26.21
CA LEU A 103 21.89 -13.12 -26.59
C LEU A 103 21.11 -13.87 -25.51
N VAL A 104 19.85 -13.47 -25.31
CA VAL A 104 18.96 -14.21 -24.42
C VAL A 104 18.14 -15.18 -25.26
N VAL A 105 18.13 -16.45 -24.82
CA VAL A 105 17.52 -17.54 -25.58
C VAL A 105 16.06 -17.67 -25.14
N LYS A 106 15.16 -17.58 -26.13
CA LYS A 106 13.74 -17.78 -25.92
C LYS A 106 13.44 -19.28 -26.02
N VAL A 107 12.79 -19.81 -24.97
CA VAL A 107 12.39 -21.20 -24.89
C VAL A 107 10.87 -21.23 -24.67
N PRO A 108 10.09 -21.95 -25.50
CA PRO A 108 8.66 -22.08 -25.24
C PRO A 108 8.40 -22.83 -23.94
N VAL A 109 7.47 -22.32 -23.14
CA VAL A 109 7.20 -22.90 -21.84
C VAL A 109 6.24 -24.08 -22.03
N THR A 110 6.85 -25.22 -22.37
CA THR A 110 6.20 -26.52 -22.51
C THR A 110 6.87 -27.48 -21.51
N VAL A 111 6.52 -28.77 -21.57
CA VAL A 111 7.18 -29.77 -20.74
C VAL A 111 8.69 -29.77 -21.00
N GLU A 112 9.07 -29.96 -22.27
CA GLU A 112 10.48 -30.06 -22.63
C GLU A 112 11.17 -28.71 -22.47
N GLY A 113 10.43 -27.63 -22.75
CA GLY A 113 10.93 -26.27 -22.61
C GLY A 113 11.27 -25.93 -21.16
N LEU A 114 10.44 -26.37 -20.21
CA LEU A 114 10.73 -26.16 -18.78
C LEU A 114 12.01 -26.91 -18.41
N ALA A 115 12.16 -28.15 -18.89
CA ALA A 115 13.36 -28.92 -18.63
C ALA A 115 14.60 -28.24 -19.19
N ALA A 116 14.46 -27.67 -20.41
CA ALA A 116 15.57 -26.97 -21.05
C ALA A 116 15.96 -25.73 -20.25
N ILE A 117 14.96 -25.01 -19.71
CA ILE A 117 15.22 -23.80 -18.93
C ILE A 117 16.05 -24.14 -17.69
N LYS A 118 15.72 -25.24 -17.00
CA LYS A 118 16.48 -25.69 -15.86
C LYS A 118 17.93 -25.96 -16.26
N MET A 119 18.12 -26.68 -17.38
CA MET A 119 19.43 -27.06 -17.88
C MET A 119 20.25 -25.82 -18.26
N LEU A 120 19.59 -24.84 -18.91
CA LEU A 120 20.26 -23.61 -19.32
C LEU A 120 20.63 -22.74 -18.13
N LYS A 121 19.84 -22.80 -17.05
CA LYS A 121 20.17 -22.08 -15.82
C LYS A 121 21.48 -22.62 -15.25
N ALA A 122 21.57 -23.96 -15.15
CA ALA A 122 22.76 -24.62 -14.64
C ALA A 122 23.99 -24.31 -15.53
N GLU A 123 23.75 -24.09 -16.82
CA GLU A 123 24.84 -23.87 -17.77
C GLU A 123 25.20 -22.38 -17.84
N GLY A 124 24.36 -21.52 -17.26
CA GLY A 124 24.63 -20.08 -17.19
C GLY A 124 24.26 -19.35 -18.48
N ILE A 125 23.34 -19.92 -19.27
CA ILE A 125 22.83 -19.28 -20.47
C ILE A 125 21.49 -18.62 -20.11
N PRO A 126 21.37 -17.26 -20.21
CA PRO A 126 20.13 -16.57 -19.88
C PRO A 126 18.98 -16.97 -20.80
N THR A 127 17.78 -17.11 -20.22
CA THR A 127 16.60 -17.53 -20.98
C THR A 127 15.42 -16.59 -20.74
N LEU A 128 14.53 -16.58 -21.74
CA LEU A 128 13.18 -16.03 -21.64
C LEU A 128 12.20 -17.16 -21.90
N GLY A 129 11.21 -17.32 -21.02
CA GLY A 129 10.14 -18.28 -21.24
C GLY A 129 9.05 -17.66 -22.12
N THR A 130 8.88 -18.18 -23.34
CA THR A 130 7.99 -17.58 -24.32
C THR A 130 6.78 -18.48 -24.59
N ALA A 131 5.89 -18.00 -25.47
CA ALA A 131 4.59 -18.61 -25.77
C ALA A 131 3.82 -18.88 -24.49
N VAL A 132 3.78 -17.87 -23.62
CA VAL A 132 3.06 -17.94 -22.37
C VAL A 132 1.64 -17.44 -22.60
N TYR A 133 0.66 -18.34 -22.39
CA TYR A 133 -0.75 -18.02 -22.54
C TYR A 133 -1.45 -18.00 -21.18
N GLY A 134 -0.70 -18.25 -20.10
CA GLY A 134 -1.30 -18.25 -18.76
C GLY A 134 -0.28 -17.86 -17.70
N ALA A 135 -0.78 -17.33 -16.57
CA ALA A 135 0.09 -16.73 -15.57
C ALA A 135 0.93 -17.80 -14.88
N ALA A 136 0.29 -18.93 -14.51
CA ALA A 136 0.95 -19.98 -13.76
C ALA A 136 2.07 -20.60 -14.60
N GLN A 137 1.79 -20.85 -15.89
CA GLN A 137 2.79 -21.30 -16.86
C GLN A 137 3.98 -20.35 -16.90
N GLY A 138 3.71 -19.04 -16.96
CA GLY A 138 4.75 -18.02 -16.96
C GLY A 138 5.61 -18.08 -15.71
N MET A 139 4.95 -18.11 -14.54
CA MET A 139 5.65 -18.17 -13.25
C MET A 139 6.56 -19.40 -13.20
N LEU A 140 6.07 -20.53 -13.71
CA LEU A 140 6.84 -21.76 -13.66
C LEU A 140 8.16 -21.58 -14.40
N SER A 141 8.14 -20.87 -15.54
CA SER A 141 9.36 -20.64 -16.32
C SER A 141 10.35 -19.78 -15.54
N ALA A 142 9.85 -18.82 -14.77
CA ALA A 142 10.71 -17.95 -13.96
C ALA A 142 11.34 -18.74 -12.80
N LEU A 143 10.55 -19.61 -12.18
CA LEU A 143 11.04 -20.46 -11.10
C LEU A 143 12.11 -21.44 -11.61
N ALA A 144 11.99 -21.85 -12.88
CA ALA A 144 12.91 -22.77 -13.50
C ALA A 144 14.22 -22.08 -13.88
N GLY A 145 14.20 -20.75 -14.01
CA GLY A 145 15.42 -19.97 -14.14
C GLY A 145 15.32 -18.86 -15.18
N ALA A 146 14.18 -18.72 -15.86
CA ALA A 146 14.04 -17.70 -16.92
C ALA A 146 14.09 -16.30 -16.32
N GLU A 147 14.90 -15.41 -16.92
CA GLU A 147 15.09 -14.05 -16.47
C GLU A 147 13.95 -13.15 -16.96
N TYR A 148 13.37 -13.52 -18.11
CA TYR A 148 12.18 -12.87 -18.66
C TYR A 148 11.08 -13.91 -18.88
N VAL A 149 9.82 -13.43 -18.85
CA VAL A 149 8.66 -14.22 -19.23
C VAL A 149 7.82 -13.39 -20.20
N ALA A 150 7.54 -13.94 -21.39
CA ALA A 150 6.84 -13.23 -22.45
C ALA A 150 5.44 -13.82 -22.62
N PRO A 151 4.39 -13.21 -22.02
CA PRO A 151 3.02 -13.53 -22.39
C PRO A 151 2.68 -12.98 -23.77
N TYR A 152 1.87 -13.75 -24.52
CA TYR A 152 1.41 -13.35 -25.84
C TYR A 152 0.05 -12.66 -25.68
N VAL A 153 0.09 -11.35 -25.40
CA VAL A 153 -1.08 -10.60 -24.95
C VAL A 153 -2.17 -10.66 -26.01
N ASN A 154 -1.85 -10.31 -27.26
CA ASN A 154 -2.88 -10.24 -28.30
C ASN A 154 -3.45 -11.64 -28.60
N ARG A 155 -2.61 -12.67 -28.54
CA ARG A 155 -3.06 -14.02 -28.86
C ARG A 155 -4.06 -14.50 -27.81
N VAL A 156 -3.83 -14.15 -26.54
CA VAL A 156 -4.81 -14.44 -25.50
C VAL A 156 -6.10 -13.67 -25.78
N ASP A 157 -5.98 -12.39 -26.19
CA ASP A 157 -7.13 -11.56 -26.52
C ASP A 157 -7.89 -12.16 -27.70
N ALA A 158 -7.15 -12.58 -28.73
CA ALA A 158 -7.74 -12.97 -30.01
C ALA A 158 -8.52 -14.28 -29.87
N GLN A 159 -8.16 -15.11 -28.89
CA GLN A 159 -8.73 -16.43 -28.72
C GLN A 159 -9.78 -16.46 -27.61
N GLY A 160 -10.32 -15.28 -27.27
CA GLY A 160 -11.50 -15.21 -26.41
C GLY A 160 -11.14 -15.19 -24.91
N GLY A 161 -9.88 -14.85 -24.60
CA GLY A 161 -9.48 -14.66 -23.22
C GLY A 161 -9.36 -13.17 -22.88
N ASP A 162 -8.54 -12.88 -21.87
CA ASP A 162 -8.29 -11.52 -21.43
C ASP A 162 -6.80 -11.33 -21.22
N GLY A 163 -6.10 -10.88 -22.26
CA GLY A 163 -4.65 -10.81 -22.28
C GLY A 163 -4.11 -9.91 -21.18
N ILE A 164 -4.80 -8.79 -20.90
CA ILE A 164 -4.34 -7.84 -19.90
C ILE A 164 -4.50 -8.47 -18.52
N GLN A 165 -5.59 -9.20 -18.29
CA GLN A 165 -5.81 -9.84 -17.00
C GLN A 165 -4.70 -10.88 -16.76
N THR A 166 -4.32 -11.63 -17.80
CA THR A 166 -3.23 -12.59 -17.72
C THR A 166 -1.93 -11.89 -17.31
N VAL A 167 -1.65 -10.73 -17.92
CA VAL A 167 -0.43 -9.99 -17.66
C VAL A 167 -0.42 -9.51 -16.20
N ILE A 168 -1.57 -9.00 -15.73
CA ILE A 168 -1.72 -8.53 -14.36
C ILE A 168 -1.41 -9.67 -13.39
N GLU A 169 -1.97 -10.86 -13.69
CA GLU A 169 -1.81 -12.03 -12.84
C GLU A 169 -0.36 -12.52 -12.86
N LEU A 170 0.25 -12.55 -14.05
CA LEU A 170 1.64 -12.93 -14.22
C LEU A 170 2.57 -11.99 -13.45
N GLN A 171 2.38 -10.68 -13.64
CA GLN A 171 3.20 -9.68 -12.94
C GLN A 171 3.07 -9.86 -11.43
N GLN A 172 1.86 -10.12 -10.94
CA GLN A 172 1.63 -10.33 -9.52
C GLN A 172 2.37 -11.57 -9.03
N LEU A 173 2.38 -12.63 -9.86
CA LEU A 173 3.07 -13.87 -9.50
C LEU A 173 4.58 -13.65 -9.44
N LEU A 174 5.14 -12.89 -10.40
CA LEU A 174 6.58 -12.64 -10.42
C LEU A 174 6.96 -11.75 -9.23
N THR A 175 6.15 -10.72 -8.94
CA THR A 175 6.37 -9.81 -7.83
C THR A 175 6.36 -10.59 -6.52
N LEU A 176 5.41 -11.53 -6.37
CA LEU A 176 5.24 -12.27 -5.13
C LEU A 176 6.29 -13.38 -5.00
N HIS A 177 6.59 -14.10 -6.10
CA HIS A 177 7.15 -15.45 -6.03
C HIS A 177 8.48 -15.58 -6.79
N ALA A 178 8.83 -14.62 -7.64
CA ALA A 178 10.06 -14.70 -8.42
C ALA A 178 10.50 -13.30 -8.87
N PRO A 179 10.81 -12.41 -7.91
CA PRO A 179 10.95 -10.99 -8.20
C PRO A 179 12.18 -10.66 -9.06
N GLN A 180 13.10 -11.63 -9.20
CA GLN A 180 14.30 -11.47 -10.01
C GLN A 180 13.99 -11.59 -11.50
N SER A 181 12.80 -12.11 -11.86
CA SER A 181 12.40 -12.25 -13.25
C SER A 181 11.48 -11.10 -13.66
N LYS A 182 11.55 -10.72 -14.94
CA LYS A 182 10.76 -9.63 -15.49
C LYS A 182 9.72 -10.20 -16.46
N VAL A 183 8.54 -9.56 -16.51
CA VAL A 183 7.63 -9.72 -17.64
C VAL A 183 8.20 -8.92 -18.82
N LEU A 184 8.35 -9.57 -19.98
CA LEU A 184 8.56 -8.91 -21.26
C LEU A 184 7.30 -9.08 -22.09
N ALA A 185 6.37 -8.11 -21.98
CA ALA A 185 5.08 -8.24 -22.64
C ALA A 185 5.27 -8.17 -24.15
N ALA A 186 4.54 -9.03 -24.87
CA ALA A 186 4.69 -9.19 -26.31
C ALA A 186 3.31 -9.40 -26.94
N SER A 187 3.27 -9.30 -28.28
CA SER A 187 2.09 -9.57 -29.08
C SER A 187 1.05 -8.47 -28.90
N PHE A 188 1.06 -7.52 -29.84
CA PHE A 188 0.24 -6.32 -29.74
C PHE A 188 -0.35 -5.98 -31.09
N LYS A 189 -1.65 -5.67 -31.09
CA LYS A 189 -2.31 -5.09 -32.24
C LYS A 189 -2.63 -3.61 -32.02
N THR A 190 -2.71 -3.16 -30.76
CA THR A 190 -3.09 -1.77 -30.49
C THR A 190 -2.24 -1.18 -29.37
N PRO A 191 -1.91 0.13 -29.46
CA PRO A 191 -1.21 0.82 -28.37
C PRO A 191 -1.83 0.65 -27.00
N ARG A 192 -3.18 0.52 -26.96
CA ARG A 192 -3.89 0.41 -25.70
C ARG A 192 -3.46 -0.85 -24.94
N GLN A 193 -3.21 -1.94 -25.67
CA GLN A 193 -2.78 -3.19 -25.05
C GLN A 193 -1.41 -3.02 -24.41
N ALA A 194 -0.49 -2.38 -25.15
CA ALA A 194 0.86 -2.13 -24.65
C ALA A 194 0.83 -1.20 -23.44
N LEU A 195 0.04 -0.12 -23.52
CA LEU A 195 -0.12 0.82 -22.41
C LEU A 195 -0.60 0.07 -21.16
N ASP A 196 -1.65 -0.73 -21.30
CA ASP A 196 -2.23 -1.46 -20.18
C ASP A 196 -1.19 -2.40 -19.55
N CYS A 197 -0.29 -2.98 -20.35
CA CYS A 197 0.79 -3.83 -19.86
C CYS A 197 1.80 -3.02 -19.04
N LEU A 198 2.12 -1.81 -19.53
CA LEU A 198 3.01 -0.91 -18.83
C LEU A 198 2.41 -0.43 -17.51
N LEU A 199 1.09 -0.16 -17.51
CA LEU A 199 0.39 0.24 -16.31
C LEU A 199 0.37 -0.90 -15.29
N ALA A 200 0.35 -2.16 -15.77
CA ALA A 200 0.32 -3.33 -14.90
C ALA A 200 1.69 -3.59 -14.25
N GLY A 201 2.74 -2.91 -14.73
CA GLY A 201 4.02 -2.88 -14.04
C GLY A 201 5.10 -3.71 -14.74
N CYS A 202 4.84 -4.14 -15.98
CA CYS A 202 5.81 -4.88 -16.78
C CYS A 202 7.07 -4.05 -16.95
N GLU A 203 8.22 -4.62 -16.58
CA GLU A 203 9.49 -3.92 -16.56
C GLU A 203 10.17 -4.00 -17.94
N SER A 204 9.58 -4.76 -18.87
CA SER A 204 10.04 -4.78 -20.25
C SER A 204 8.89 -5.07 -21.21
N ILE A 205 9.10 -4.69 -22.48
CA ILE A 205 8.04 -4.80 -23.48
C ILE A 205 8.68 -4.82 -24.86
N THR A 206 8.04 -5.55 -25.79
CA THR A 206 8.51 -5.54 -27.17
C THR A 206 7.34 -5.20 -28.08
N LEU A 207 7.57 -4.19 -28.93
CA LEU A 207 6.53 -3.58 -29.74
C LEU A 207 6.78 -3.94 -31.20
N PRO A 208 5.73 -4.34 -31.95
CA PRO A 208 5.80 -4.33 -33.40
C PRO A 208 5.95 -2.91 -33.91
N LEU A 209 6.45 -2.77 -35.15
CA LEU A 209 6.76 -1.45 -35.71
C LEU A 209 5.51 -0.58 -35.76
N ASP A 210 4.35 -1.16 -36.06
CA ASP A 210 3.14 -0.39 -36.33
C ASP A 210 2.64 0.26 -35.03
N VAL A 211 2.61 -0.53 -33.95
CA VAL A 211 2.21 -0.04 -32.64
C VAL A 211 3.21 1.01 -32.14
N ALA A 212 4.51 0.72 -32.25
CA ALA A 212 5.55 1.61 -31.74
C ALA A 212 5.35 3.02 -32.31
N GLN A 213 5.04 3.09 -33.60
CA GLN A 213 4.96 4.36 -34.31
C GLN A 213 3.65 5.09 -34.02
N GLN A 214 2.59 4.35 -33.70
CA GLN A 214 1.31 4.95 -33.33
C GLN A 214 1.45 5.71 -32.01
N PHE A 215 2.34 5.26 -31.11
CA PHE A 215 2.60 5.92 -29.84
C PHE A 215 3.03 7.37 -30.05
N ILE A 216 3.81 7.64 -31.12
CA ILE A 216 4.48 8.92 -31.28
C ILE A 216 3.99 9.61 -32.55
N THR A 217 2.76 9.29 -32.96
CA THR A 217 2.08 9.89 -34.10
C THR A 217 0.65 10.20 -33.69
N SER A 218 0.26 11.47 -33.77
CA SER A 218 -1.01 11.92 -33.22
C SER A 218 -1.50 13.13 -34.02
N PRO A 219 -2.75 13.10 -34.56
CA PRO A 219 -3.36 14.30 -35.12
C PRO A 219 -3.46 15.45 -34.13
N ALA A 220 -3.74 15.14 -32.85
CA ALA A 220 -3.90 16.17 -31.85
C ALA A 220 -2.58 16.90 -31.61
N VAL A 221 -1.48 16.13 -31.50
CA VAL A 221 -0.16 16.69 -31.24
C VAL A 221 0.25 17.56 -32.43
N ASP A 222 0.07 17.05 -33.64
CA ASP A 222 0.41 17.78 -34.86
C ASP A 222 -0.34 19.11 -34.94
N ALA A 223 -1.62 19.11 -34.55
CA ALA A 223 -2.45 20.32 -34.60
C ALA A 223 -1.97 21.34 -33.57
N ALA A 224 -1.57 20.86 -32.38
CA ALA A 224 -0.98 21.72 -31.35
C ALA A 224 0.25 22.45 -31.90
N ILE A 225 1.08 21.74 -32.68
CA ILE A 225 2.32 22.31 -33.18
C ILE A 225 2.02 23.34 -34.27
N VAL A 226 1.02 23.06 -35.12
CA VAL A 226 0.61 23.97 -36.18
C VAL A 226 0.08 25.26 -35.57
N LYS A 227 -0.74 25.15 -34.51
CA LYS A 227 -1.30 26.31 -33.83
C LYS A 227 -0.18 27.16 -33.23
N PHE A 228 0.81 26.51 -32.61
CA PHE A 228 1.95 27.18 -32.00
C PHE A 228 2.71 27.96 -33.08
N GLU A 229 2.99 27.31 -34.22
CA GLU A 229 3.68 27.94 -35.34
C GLU A 229 2.90 29.16 -35.85
N GLN A 230 1.57 29.01 -35.98
CA GLN A 230 0.70 30.07 -36.50
C GLN A 230 0.68 31.26 -35.54
N ASP A 231 0.58 30.99 -34.24
CA ASP A 231 0.53 32.04 -33.23
C ASP A 231 1.86 32.81 -33.23
N TRP A 232 2.96 32.07 -33.31
CA TRP A 232 4.30 32.63 -33.30
C TRP A 232 4.52 33.53 -34.51
N GLN A 233 4.15 33.04 -35.69
CA GLN A 233 4.31 33.79 -36.93
C GLN A 233 3.47 35.06 -36.90
N GLY A 234 2.21 34.95 -36.43
CA GLY A 234 1.35 36.10 -36.20
C GLY A 234 2.05 37.25 -35.48
N ALA A 235 2.77 36.94 -34.39
CA ALA A 235 3.40 37.95 -33.55
C ALA A 235 4.74 38.39 -34.12
N PHE A 236 5.53 37.46 -34.68
CA PHE A 236 6.94 37.72 -34.97
C PHE A 236 7.29 37.52 -36.45
N GLY A 237 6.34 37.08 -37.28
CA GLY A 237 6.54 36.93 -38.72
C GLY A 237 7.56 35.83 -39.07
N ARG A 238 7.71 34.83 -38.21
CA ARG A 238 8.55 33.67 -38.51
C ARG A 238 8.22 32.56 -37.50
N THR A 239 8.80 31.36 -37.69
CA THR A 239 8.71 30.30 -36.70
C THR A 239 10.13 29.84 -36.33
N SER A 240 10.97 30.80 -35.90
CA SER A 240 12.37 30.54 -35.59
C SER A 240 12.77 31.24 -34.29
N ILE A 241 13.51 30.52 -33.44
CA ILE A 241 13.99 31.06 -32.17
C ILE A 241 15.04 32.16 -32.47
N MET B 22 9.27 -19.09 -3.55
CA MET B 22 8.24 -20.15 -3.79
C MET B 22 8.85 -21.52 -3.53
N GLU B 23 8.11 -22.37 -2.82
CA GLU B 23 8.39 -23.79 -2.75
C GLU B 23 7.27 -24.56 -3.45
N LEU B 24 7.62 -25.27 -4.53
CA LEU B 24 6.69 -26.08 -5.31
C LEU B 24 6.88 -27.55 -4.94
N TYR B 25 5.80 -28.17 -4.46
CA TYR B 25 5.76 -29.59 -4.14
C TYR B 25 4.82 -30.32 -5.07
N LEU B 26 5.08 -31.63 -5.22
CA LEU B 26 4.08 -32.57 -5.72
C LEU B 26 3.46 -33.32 -4.55
N ASP B 27 2.17 -33.65 -4.72
CA ASP B 27 1.34 -34.26 -3.70
C ASP B 27 0.99 -35.66 -4.17
N THR B 28 1.83 -36.64 -3.82
CA THR B 28 1.90 -37.91 -4.53
C THR B 28 2.73 -38.92 -3.73
N SER B 29 2.47 -40.21 -3.98
CA SER B 29 3.33 -41.31 -3.60
C SER B 29 3.81 -42.08 -4.83
N ASP B 30 3.62 -41.49 -6.02
CA ASP B 30 3.98 -42.12 -7.29
C ASP B 30 5.44 -41.79 -7.58
N VAL B 31 6.33 -42.71 -7.18
CA VAL B 31 7.76 -42.47 -7.20
C VAL B 31 8.24 -42.23 -8.64
N ALA B 32 7.82 -43.08 -9.57
CA ALA B 32 8.17 -42.96 -10.99
C ALA B 32 7.76 -41.60 -11.55
N ALA B 33 6.57 -41.11 -11.17
CA ALA B 33 6.07 -39.83 -11.66
C ALA B 33 6.90 -38.67 -11.11
N VAL B 34 7.31 -38.78 -9.85
CA VAL B 34 8.18 -37.77 -9.26
C VAL B 34 9.49 -37.71 -10.04
N LYS B 35 10.09 -38.86 -10.36
CA LYS B 35 11.34 -38.89 -11.10
C LYS B 35 11.19 -38.20 -12.46
N LYS B 36 10.09 -38.52 -13.18
CA LYS B 36 9.76 -37.94 -14.48
C LYS B 36 9.62 -36.42 -14.37
N LEU B 37 8.88 -35.94 -13.36
CA LEU B 37 8.52 -34.53 -13.24
C LEU B 37 9.63 -33.71 -12.59
N ALA B 38 10.51 -34.34 -11.80
CA ALA B 38 11.62 -33.64 -11.15
C ALA B 38 12.54 -33.00 -12.18
N ARG B 39 12.53 -33.57 -13.39
CA ARG B 39 13.34 -33.10 -14.50
C ARG B 39 12.74 -31.84 -15.12
N ILE B 40 11.42 -31.66 -14.94
CA ILE B 40 10.66 -30.66 -15.67
C ILE B 40 10.41 -29.45 -14.77
N PHE B 41 9.83 -29.70 -13.59
CA PHE B 41 9.50 -28.66 -12.62
C PHE B 41 10.71 -28.37 -11.74
N PRO B 42 10.81 -27.15 -11.19
CA PRO B 42 11.73 -26.88 -10.10
C PRO B 42 11.10 -27.23 -8.75
N LEU B 43 11.21 -28.52 -8.38
CA LEU B 43 10.53 -29.05 -7.20
C LEU B 43 11.34 -28.72 -5.95
N ALA B 44 10.63 -28.31 -4.89
CA ALA B 44 11.19 -28.22 -3.55
C ALA B 44 11.17 -29.58 -2.86
N GLY B 45 10.25 -30.47 -3.31
CA GLY B 45 10.08 -31.79 -2.70
C GLY B 45 8.70 -32.40 -2.99
N VAL B 46 8.27 -33.26 -2.07
CA VAL B 46 7.02 -34.00 -2.18
C VAL B 46 6.29 -33.98 -0.83
N THR B 47 4.97 -33.79 -0.88
CA THR B 47 4.10 -33.97 0.27
C THR B 47 3.38 -35.32 0.15
N THR B 48 3.12 -35.92 1.30
CA THR B 48 2.23 -37.07 1.42
C THR B 48 1.20 -36.79 2.51
N ASN B 49 0.12 -37.57 2.48
CA ASN B 49 -0.82 -37.70 3.58
C ASN B 49 -1.20 -39.16 3.70
N PRO B 50 -2.00 -39.56 4.73
CA PRO B 50 -2.32 -40.97 4.94
C PRO B 50 -2.99 -41.63 3.75
N SER B 51 -3.88 -40.90 3.05
CA SER B 51 -4.62 -41.42 1.90
C SER B 51 -3.70 -41.60 0.69
N ILE B 52 -2.83 -40.61 0.46
CA ILE B 52 -1.87 -40.67 -0.65
C ILE B 52 -0.91 -41.85 -0.46
N VAL B 53 -0.43 -42.04 0.79
CA VAL B 53 0.45 -43.16 1.11
C VAL B 53 -0.29 -44.48 0.86
N ALA B 54 -1.53 -44.59 1.36
CA ALA B 54 -2.35 -45.77 1.20
C ALA B 54 -2.53 -46.12 -0.27
N ALA B 55 -2.88 -45.12 -1.09
CA ALA B 55 -3.08 -45.31 -2.51
C ALA B 55 -1.84 -45.92 -3.17
N GLY B 56 -0.65 -45.53 -2.70
CA GLY B 56 0.60 -45.93 -3.33
C GLY B 56 1.07 -47.31 -2.87
N LYS B 57 0.49 -47.85 -1.80
CA LYS B 57 0.66 -49.24 -1.40
C LYS B 57 1.98 -49.46 -0.67
N THR B 58 2.82 -48.42 -0.61
CA THR B 58 4.19 -48.53 -0.17
C THR B 58 4.31 -47.89 1.21
N PRO B 59 4.71 -48.66 2.27
CA PRO B 59 4.94 -48.08 3.59
C PRO B 59 5.97 -46.96 3.58
N LEU B 60 5.88 -46.06 4.58
CA LEU B 60 6.68 -44.83 4.62
C LEU B 60 8.18 -45.13 4.64
N ASP B 61 8.58 -46.21 5.33
CA ASP B 61 10.01 -46.49 5.51
C ASP B 61 10.64 -46.90 4.20
N GLU B 62 9.82 -47.37 3.23
CA GLU B 62 10.25 -47.64 1.87
C GLU B 62 9.98 -46.41 0.99
N LEU B 63 8.81 -45.78 1.16
CA LEU B 63 8.36 -44.72 0.28
C LEU B 63 9.28 -43.50 0.37
N LEU B 64 9.56 -43.04 1.60
CA LEU B 64 10.23 -41.76 1.81
C LEU B 64 11.64 -41.78 1.20
N PRO B 65 12.44 -42.86 1.38
CA PRO B 65 13.72 -42.97 0.68
C PRO B 65 13.60 -43.02 -0.84
N ALA B 66 12.54 -43.68 -1.36
CA ALA B 66 12.36 -43.78 -2.80
C ALA B 66 12.06 -42.42 -3.42
N LEU B 67 11.25 -41.60 -2.70
CA LEU B 67 10.94 -40.24 -3.13
C LEU B 67 12.20 -39.37 -3.10
N HIS B 68 12.99 -39.47 -2.03
CA HIS B 68 14.26 -38.76 -1.91
C HIS B 68 15.14 -39.01 -3.15
N ASP B 69 15.32 -40.30 -3.50
CA ASP B 69 16.10 -40.69 -4.68
C ASP B 69 15.47 -40.15 -5.96
N ALA B 70 14.14 -40.26 -6.11
CA ALA B 70 13.45 -39.78 -7.30
C ALA B 70 13.67 -38.29 -7.52
N LEU B 71 13.84 -37.53 -6.42
CA LEU B 71 14.04 -36.09 -6.48
C LEU B 71 15.47 -35.74 -6.89
N GLY B 72 16.34 -36.78 -6.97
CA GLY B 72 17.75 -36.60 -7.25
C GLY B 72 18.58 -36.51 -5.97
N GLY B 73 18.11 -37.15 -4.91
CA GLY B 73 18.76 -37.19 -3.62
C GLY B 73 18.77 -35.81 -2.94
N LYS B 74 17.65 -35.10 -3.02
CA LYS B 74 17.52 -33.77 -2.42
C LYS B 74 16.05 -33.49 -2.09
N GLY B 75 15.76 -32.28 -1.63
CA GLY B 75 14.39 -31.83 -1.46
C GLY B 75 13.84 -32.15 -0.07
N ARG B 76 12.67 -31.57 0.23
CA ARG B 76 12.03 -31.65 1.52
C ARG B 76 10.79 -32.54 1.41
N LEU B 77 10.67 -33.52 2.32
CA LEU B 77 9.54 -34.43 2.33
C LEU B 77 8.63 -34.12 3.53
N PHE B 78 7.33 -34.38 3.36
CA PHE B 78 6.34 -34.22 4.42
C PHE B 78 5.56 -35.51 4.58
N ALA B 79 5.33 -35.90 5.84
CA ALA B 79 4.53 -37.08 6.16
C ALA B 79 3.75 -36.82 7.44
N GLN B 80 2.59 -37.47 7.57
CA GLN B 80 1.61 -37.14 8.60
C GLN B 80 1.60 -38.21 9.70
N VAL B 81 1.50 -37.73 10.96
CA VAL B 81 1.27 -38.56 12.14
C VAL B 81 -0.10 -39.25 12.00
N MET B 82 -0.27 -40.38 12.71
CA MET B 82 -1.52 -41.12 12.71
C MET B 82 -2.14 -41.23 14.11
N ALA B 83 -1.38 -40.96 15.18
CA ALA B 83 -1.89 -41.11 16.54
C ALA B 83 -2.93 -40.02 16.85
N THR B 84 -3.74 -40.24 17.89
CA THR B 84 -4.86 -39.37 18.21
C THR B 84 -4.61 -38.62 19.52
N THR B 85 -3.52 -38.94 20.22
CA THR B 85 -3.11 -38.17 21.39
C THR B 85 -1.87 -37.37 21.05
N ALA B 86 -1.64 -36.28 21.80
CA ALA B 86 -0.48 -35.42 21.61
C ALA B 86 0.82 -36.21 21.83
N GLU B 87 0.84 -37.07 22.87
CA GLU B 87 2.03 -37.84 23.19
C GLU B 87 2.32 -38.86 22.07
N GLY B 88 1.28 -39.52 21.56
CA GLY B 88 1.40 -40.47 20.46
C GLY B 88 1.87 -39.79 19.16
N MET B 89 1.43 -38.54 18.95
CA MET B 89 1.79 -37.81 17.75
C MET B 89 3.27 -37.42 17.81
N VAL B 90 3.74 -37.08 19.01
CA VAL B 90 5.15 -36.80 19.23
C VAL B 90 5.98 -38.05 18.94
N GLU B 91 5.50 -39.22 19.36
CA GLU B 91 6.21 -40.48 19.10
C GLU B 91 6.26 -40.75 17.59
N ASP B 92 5.13 -40.51 16.89
CA ASP B 92 5.07 -40.66 15.44
C ASP B 92 6.07 -39.73 14.77
N ALA B 93 6.10 -38.48 15.25
CA ALA B 93 6.99 -37.45 14.73
C ALA B 93 8.45 -37.92 14.80
N ARG B 94 8.87 -38.44 15.96
CA ARG B 94 10.24 -38.94 16.10
C ARG B 94 10.52 -40.08 15.12
N LYS B 95 9.55 -41.00 14.96
CA LYS B 95 9.70 -42.13 14.05
C LYS B 95 9.89 -41.64 12.61
N LEU B 96 9.10 -40.64 12.21
CA LEU B 96 9.14 -40.12 10.85
C LEU B 96 10.51 -39.48 10.58
N ARG B 97 11.00 -38.72 11.55
CA ARG B 97 12.25 -37.98 11.41
C ARG B 97 13.43 -38.95 11.30
N ALA B 98 13.31 -40.11 11.97
CA ALA B 98 14.33 -41.14 11.95
C ALA B 98 14.44 -41.78 10.56
N ILE B 99 13.35 -41.75 9.78
CA ILE B 99 13.35 -42.32 8.44
C ILE B 99 14.25 -41.47 7.54
N ILE B 100 14.12 -40.14 7.63
CA ILE B 100 14.55 -39.25 6.57
C ILE B 100 14.98 -37.91 7.20
N ASN B 101 16.07 -37.32 6.65
CA ASN B 101 16.70 -36.14 7.25
C ASN B 101 15.81 -34.92 7.03
N ASP B 102 15.67 -34.45 5.78
CA ASP B 102 14.87 -33.26 5.52
C ASP B 102 13.38 -33.65 5.49
N LEU B 103 12.78 -33.80 6.68
CA LEU B 103 11.38 -34.20 6.79
C LEU B 103 10.64 -33.28 7.77
N VAL B 104 9.50 -32.78 7.32
CA VAL B 104 8.62 -31.94 8.11
C VAL B 104 7.39 -32.77 8.46
N VAL B 105 7.03 -32.79 9.75
CA VAL B 105 5.96 -33.63 10.25
C VAL B 105 4.63 -32.89 10.16
N LYS B 106 3.65 -33.52 9.50
CA LYS B 106 2.31 -32.98 9.36
C LYS B 106 1.49 -33.44 10.55
N VAL B 107 0.88 -32.46 11.24
CA VAL B 107 0.05 -32.68 12.40
C VAL B 107 -1.32 -32.08 12.14
N PRO B 108 -2.42 -32.87 12.20
CA PRO B 108 -3.75 -32.31 12.05
C PRO B 108 -4.05 -31.27 13.14
N VAL B 109 -4.67 -30.15 12.74
CA VAL B 109 -4.89 -29.05 13.65
C VAL B 109 -6.20 -29.29 14.41
N THR B 110 -6.09 -30.18 15.41
CA THR B 110 -7.13 -30.51 16.38
C THR B 110 -6.70 -30.05 17.77
N VAL B 111 -7.49 -30.42 18.79
CA VAL B 111 -7.14 -30.12 20.18
C VAL B 111 -5.81 -30.80 20.50
N GLU B 112 -5.70 -32.10 20.22
CA GLU B 112 -4.49 -32.85 20.54
C GLU B 112 -3.36 -32.49 19.58
N GLY B 113 -3.70 -32.18 18.32
CA GLY B 113 -2.73 -31.74 17.34
C GLY B 113 -1.99 -30.48 17.77
N LEU B 114 -2.73 -29.46 18.23
CA LEU B 114 -2.15 -28.20 18.69
C LEU B 114 -1.17 -28.45 19.83
N ALA B 115 -1.59 -29.28 20.79
CA ALA B 115 -0.76 -29.67 21.92
C ALA B 115 0.55 -30.31 21.45
N ALA B 116 0.46 -31.16 20.40
CA ALA B 116 1.62 -31.82 19.82
C ALA B 116 2.53 -30.81 19.12
N ILE B 117 1.95 -29.85 18.38
CA ILE B 117 2.73 -28.84 17.68
C ILE B 117 3.57 -28.04 18.69
N LYS B 118 2.97 -27.66 19.82
CA LYS B 118 3.70 -26.96 20.87
C LYS B 118 4.86 -27.80 21.38
N MET B 119 4.61 -29.08 21.66
CA MET B 119 5.64 -29.98 22.17
C MET B 119 6.77 -30.12 21.15
N LEU B 120 6.42 -30.26 19.86
CA LEU B 120 7.40 -30.51 18.81
C LEU B 120 8.24 -29.26 18.58
N LYS B 121 7.61 -28.09 18.70
CA LYS B 121 8.30 -26.81 18.69
C LYS B 121 9.36 -26.78 19.79
N ALA B 122 9.00 -27.24 21.00
CA ALA B 122 9.93 -27.22 22.12
C ALA B 122 11.10 -28.16 21.84
N GLU B 123 10.84 -29.24 21.08
CA GLU B 123 11.82 -30.28 20.83
C GLU B 123 12.65 -29.98 19.58
N GLY B 124 12.24 -28.97 18.79
CA GLY B 124 12.96 -28.56 17.60
C GLY B 124 12.67 -29.47 16.39
N ILE B 125 11.49 -30.13 16.39
CA ILE B 125 11.03 -30.87 15.23
C ILE B 125 10.10 -29.96 14.42
N PRO B 126 10.46 -29.61 13.16
CA PRO B 126 9.62 -28.76 12.32
C PRO B 126 8.29 -29.43 11.98
N THR B 127 7.20 -28.65 11.99
CA THR B 127 5.86 -29.17 11.79
C THR B 127 5.15 -28.37 10.70
N LEU B 128 4.13 -29.00 10.15
CA LEU B 128 3.12 -28.36 9.32
C LEU B 128 1.75 -28.67 9.91
N GLY B 129 0.93 -27.63 10.10
CA GLY B 129 -0.44 -27.79 10.57
C GLY B 129 -1.37 -28.10 9.40
N THR B 130 -1.90 -29.33 9.38
CA THR B 130 -2.67 -29.87 8.25
C THR B 130 -4.14 -30.04 8.61
N ALA B 131 -4.93 -30.44 7.60
CA ALA B 131 -6.38 -30.55 7.69
C ALA B 131 -6.99 -29.25 8.23
N VAL B 132 -6.52 -28.14 7.65
CA VAL B 132 -7.02 -26.82 8.00
C VAL B 132 -8.20 -26.48 7.07
N TYR B 133 -9.36 -26.25 7.70
CA TYR B 133 -10.60 -25.91 6.99
C TYR B 133 -11.03 -24.48 7.28
N GLY B 134 -10.31 -23.77 8.18
CA GLY B 134 -10.65 -22.40 8.53
C GLY B 134 -9.38 -21.61 8.88
N ALA B 135 -9.43 -20.29 8.63
CA ALA B 135 -8.28 -19.40 8.75
C ALA B 135 -7.80 -19.33 10.20
N ALA B 136 -8.72 -19.12 11.16
CA ALA B 136 -8.34 -19.00 12.56
C ALA B 136 -7.65 -20.27 13.05
N GLN B 137 -8.24 -21.44 12.73
CA GLN B 137 -7.65 -22.74 13.04
C GLN B 137 -6.21 -22.82 12.53
N GLY B 138 -5.99 -22.33 11.29
CA GLY B 138 -4.68 -22.36 10.66
C GLY B 138 -3.69 -21.44 11.36
N MET B 139 -4.15 -20.23 11.71
CA MET B 139 -3.33 -19.27 12.41
C MET B 139 -2.90 -19.83 13.76
N LEU B 140 -3.82 -20.52 14.45
CA LEU B 140 -3.50 -21.10 15.75
C LEU B 140 -2.32 -22.07 15.62
N SER B 141 -2.30 -22.88 14.54
CA SER B 141 -1.23 -23.85 14.36
C SER B 141 0.11 -23.16 14.19
N ALA B 142 0.14 -22.04 13.43
CA ALA B 142 1.34 -21.24 13.25
C ALA B 142 1.82 -20.64 14.58
N LEU B 143 0.88 -20.08 15.34
CA LEU B 143 1.22 -19.49 16.64
C LEU B 143 1.80 -20.56 17.58
N ALA B 144 1.38 -21.82 17.41
CA ALA B 144 1.82 -22.90 18.29
C ALA B 144 3.21 -23.41 17.90
N GLY B 145 3.65 -23.10 16.67
CA GLY B 145 5.03 -23.40 16.26
C GLY B 145 5.16 -23.91 14.83
N ALA B 146 4.04 -24.20 14.14
CA ALA B 146 4.12 -24.83 12.81
C ALA B 146 4.74 -23.85 11.80
N GLU B 147 5.70 -24.36 11.02
CA GLU B 147 6.42 -23.57 10.03
C GLU B 147 5.57 -23.40 8.77
N TYR B 148 4.68 -24.37 8.52
CA TYR B 148 3.75 -24.36 7.41
C TYR B 148 2.34 -24.60 7.95
N VAL B 149 1.34 -24.09 7.21
CA VAL B 149 -0.06 -24.37 7.47
C VAL B 149 -0.71 -24.77 6.14
N ALA B 150 -1.38 -25.93 6.10
CA ALA B 150 -1.93 -26.45 4.86
C ALA B 150 -3.46 -26.42 4.90
N PRO B 151 -4.10 -25.40 4.28
CA PRO B 151 -5.54 -25.46 4.03
C PRO B 151 -5.89 -26.49 2.97
N TYR B 152 -7.01 -27.18 3.16
CA TYR B 152 -7.54 -28.13 2.20
C TYR B 152 -8.52 -27.40 1.27
N VAL B 153 -7.96 -26.71 0.27
CA VAL B 153 -8.70 -25.76 -0.55
C VAL B 153 -9.93 -26.41 -1.19
N ASN B 154 -9.72 -27.52 -1.93
CA ASN B 154 -10.80 -28.16 -2.66
C ASN B 154 -11.86 -28.71 -1.72
N ARG B 155 -11.45 -29.21 -0.56
CA ARG B 155 -12.38 -29.81 0.39
C ARG B 155 -13.31 -28.75 0.97
N VAL B 156 -12.80 -27.53 1.17
CA VAL B 156 -13.64 -26.40 1.59
C VAL B 156 -14.60 -26.04 0.46
N ASP B 157 -14.09 -25.99 -0.78
CA ASP B 157 -14.91 -25.75 -1.96
C ASP B 157 -16.00 -26.83 -2.11
N ALA B 158 -15.62 -28.10 -1.92
CA ALA B 158 -16.51 -29.23 -2.16
C ALA B 158 -17.68 -29.28 -1.17
N GLN B 159 -17.47 -28.77 0.06
CA GLN B 159 -18.46 -28.86 1.14
C GLN B 159 -19.24 -27.56 1.31
N GLY B 160 -19.24 -26.73 0.27
CA GLY B 160 -20.15 -25.61 0.14
C GLY B 160 -19.59 -24.33 0.77
N GLY B 161 -18.27 -24.33 1.02
CA GLY B 161 -17.55 -23.15 1.45
C GLY B 161 -16.89 -22.43 0.26
N ASP B 162 -15.91 -21.58 0.59
CA ASP B 162 -15.14 -20.84 -0.39
C ASP B 162 -13.65 -20.99 -0.05
N GLY B 163 -13.00 -21.99 -0.65
CA GLY B 163 -11.64 -22.38 -0.28
C GLY B 163 -10.65 -21.24 -0.48
N ILE B 164 -10.84 -20.49 -1.57
CA ILE B 164 -9.93 -19.41 -1.91
C ILE B 164 -10.07 -18.29 -0.88
N GLN B 165 -11.30 -17.98 -0.48
CA GLN B 165 -11.51 -16.97 0.55
C GLN B 165 -10.83 -17.41 1.85
N THR B 166 -10.90 -18.70 2.18
CA THR B 166 -10.24 -19.23 3.37
C THR B 166 -8.73 -19.00 3.27
N VAL B 167 -8.15 -19.25 2.08
CA VAL B 167 -6.72 -19.05 1.85
C VAL B 167 -6.35 -17.58 1.99
N ILE B 168 -7.15 -16.67 1.41
CA ILE B 168 -6.85 -15.24 1.48
C ILE B 168 -6.83 -14.80 2.95
N GLU B 169 -7.83 -15.25 3.73
CA GLU B 169 -7.92 -14.94 5.14
C GLU B 169 -6.74 -15.53 5.91
N LEU B 170 -6.42 -16.81 5.66
CA LEU B 170 -5.31 -17.47 6.35
C LEU B 170 -4.00 -16.71 6.09
N GLN B 171 -3.74 -16.38 4.82
CA GLN B 171 -2.51 -15.70 4.41
C GLN B 171 -2.45 -14.33 5.10
N GLN B 172 -3.59 -13.64 5.17
CA GLN B 172 -3.66 -12.34 5.82
C GLN B 172 -3.30 -12.48 7.30
N LEU B 173 -3.75 -13.59 7.92
CA LEU B 173 -3.51 -13.82 9.34
C LEU B 173 -2.02 -14.10 9.58
N LEU B 174 -1.42 -14.93 8.73
CA LEU B 174 0.00 -15.23 8.86
C LEU B 174 0.84 -13.97 8.59
N THR B 175 0.48 -13.20 7.55
CA THR B 175 1.20 -11.96 7.25
C THR B 175 1.16 -11.02 8.45
N LEU B 176 -0.01 -10.87 9.08
CA LEU B 176 -0.21 -9.90 10.15
C LEU B 176 0.40 -10.40 11.46
N HIS B 177 0.23 -11.70 11.75
CA HIS B 177 0.29 -12.21 13.11
C HIS B 177 1.35 -13.28 13.30
N ALA B 178 1.81 -13.95 12.22
CA ALA B 178 2.77 -15.05 12.30
C ALA B 178 3.61 -15.14 11.02
N PRO B 179 4.36 -14.06 10.67
CA PRO B 179 4.97 -13.95 9.36
C PRO B 179 6.13 -14.92 9.11
N GLN B 180 6.57 -15.66 10.14
CA GLN B 180 7.60 -16.67 10.01
C GLN B 180 7.02 -17.98 9.50
N SER B 181 5.68 -18.10 9.49
CA SER B 181 5.00 -19.29 9.01
C SER B 181 4.49 -19.06 7.58
N LYS B 182 4.43 -20.14 6.80
CA LYS B 182 4.04 -20.10 5.41
C LYS B 182 2.71 -20.85 5.23
N VAL B 183 1.88 -20.37 4.29
CA VAL B 183 0.80 -21.19 3.76
C VAL B 183 1.41 -22.19 2.77
N LEU B 184 1.11 -23.48 2.98
CA LEU B 184 1.33 -24.52 2.00
C LEU B 184 -0.03 -24.99 1.49
N ALA B 185 -0.48 -24.36 0.40
CA ALA B 185 -1.82 -24.61 -0.13
C ALA B 185 -1.86 -26.00 -0.75
N ALA B 186 -2.95 -26.73 -0.45
CA ALA B 186 -3.13 -28.13 -0.86
C ALA B 186 -4.58 -28.40 -1.25
N SER B 187 -4.79 -29.56 -1.87
CA SER B 187 -6.11 -30.08 -2.24
C SER B 187 -6.66 -29.31 -3.43
N PHE B 188 -6.40 -29.80 -4.65
CA PHE B 188 -6.75 -29.10 -5.88
C PHE B 188 -7.39 -30.06 -6.88
N LYS B 189 -8.48 -29.61 -7.53
CA LYS B 189 -9.11 -30.32 -8.63
C LYS B 189 -8.92 -29.57 -9.94
N THR B 190 -8.57 -28.28 -9.87
CA THR B 190 -8.36 -27.50 -11.08
C THR B 190 -7.20 -26.54 -10.90
N PRO B 191 -6.43 -26.29 -11.99
CA PRO B 191 -5.40 -25.27 -12.01
C PRO B 191 -5.84 -23.89 -11.51
N ARG B 192 -7.11 -23.51 -11.74
CA ARG B 192 -7.60 -22.19 -11.33
C ARG B 192 -7.50 -22.03 -9.82
N GLN B 193 -7.80 -23.09 -9.05
CA GLN B 193 -7.72 -23.02 -7.60
C GLN B 193 -6.28 -22.73 -7.15
N ALA B 194 -5.33 -23.44 -7.77
CA ALA B 194 -3.94 -23.33 -7.39
C ALA B 194 -3.39 -21.96 -7.78
N LEU B 195 -3.81 -21.46 -8.96
CA LEU B 195 -3.46 -20.12 -9.40
C LEU B 195 -3.94 -19.09 -8.39
N ASP B 196 -5.21 -19.22 -7.97
CA ASP B 196 -5.83 -18.27 -7.06
C ASP B 196 -5.09 -18.26 -5.72
N CYS B 197 -4.61 -19.43 -5.29
CA CYS B 197 -3.81 -19.54 -4.07
C CYS B 197 -2.48 -18.80 -4.22
N LEU B 198 -1.83 -19.00 -5.37
CA LEU B 198 -0.57 -18.34 -5.67
C LEU B 198 -0.74 -16.82 -5.73
N LEU B 199 -1.88 -16.35 -6.27
CA LEU B 199 -2.16 -14.93 -6.37
C LEU B 199 -2.46 -14.35 -4.98
N ALA B 200 -2.96 -15.20 -4.07
CA ALA B 200 -3.30 -14.78 -2.72
C ALA B 200 -2.04 -14.58 -1.89
N GLY B 201 -0.91 -15.14 -2.36
CA GLY B 201 0.40 -14.86 -1.81
C GLY B 201 0.99 -16.06 -1.06
N CYS B 202 0.41 -17.27 -1.25
CA CYS B 202 0.94 -18.46 -0.61
C CYS B 202 2.38 -18.67 -1.06
N GLU B 203 3.29 -18.88 -0.10
CA GLU B 203 4.71 -18.97 -0.40
C GLU B 203 5.12 -20.41 -0.67
N SER B 204 4.19 -21.36 -0.49
CA SER B 204 4.39 -22.75 -0.87
C SER B 204 3.07 -23.39 -1.32
N ILE B 205 3.19 -24.44 -2.13
CA ILE B 205 2.01 -25.11 -2.70
C ILE B 205 2.38 -26.55 -3.04
N THR B 206 1.42 -27.47 -2.88
CA THR B 206 1.62 -28.84 -3.32
C THR B 206 0.51 -29.21 -4.29
N LEU B 207 0.93 -29.73 -5.46
CA LEU B 207 0.05 -30.00 -6.60
C LEU B 207 -0.09 -31.51 -6.76
N PRO B 208 -1.33 -32.01 -6.99
CA PRO B 208 -1.52 -33.34 -7.54
C PRO B 208 -0.98 -33.41 -8.98
N LEU B 209 -0.68 -34.62 -9.44
CA LEU B 209 0.00 -34.82 -10.72
C LEU B 209 -0.82 -34.26 -11.88
N ASP B 210 -2.15 -34.40 -11.83
CA ASP B 210 -3.01 -34.02 -12.95
C ASP B 210 -3.01 -32.49 -13.12
N VAL B 211 -3.20 -31.77 -12.01
CA VAL B 211 -3.22 -30.32 -12.03
C VAL B 211 -1.84 -29.79 -12.43
N ALA B 212 -0.77 -30.35 -11.87
CA ALA B 212 0.59 -29.91 -12.19
C ALA B 212 0.82 -30.00 -13.69
N GLN B 213 0.39 -31.10 -14.30
CA GLN B 213 0.69 -31.30 -15.72
C GLN B 213 -0.20 -30.42 -16.60
N GLN B 214 -1.41 -30.09 -16.14
CA GLN B 214 -2.32 -29.21 -16.88
C GLN B 214 -1.75 -27.79 -16.99
N PHE B 215 -0.99 -27.35 -15.97
CA PHE B 215 -0.34 -26.05 -16.01
C PHE B 215 0.53 -25.89 -17.27
N ILE B 216 1.16 -26.99 -17.73
CA ILE B 216 2.21 -26.93 -18.74
C ILE B 216 1.84 -27.73 -19.98
N THR B 217 0.54 -28.02 -20.16
CA THR B 217 0.01 -28.61 -21.38
C THR B 217 -1.18 -27.78 -21.84
N SER B 218 -1.10 -27.26 -23.08
CA SER B 218 -2.04 -26.27 -23.56
C SER B 218 -2.20 -26.40 -25.07
N PRO B 219 -3.44 -26.60 -25.58
CA PRO B 219 -3.70 -26.52 -27.01
C PRO B 219 -3.20 -25.22 -27.67
N ALA B 220 -3.39 -24.08 -26.99
CA ALA B 220 -3.02 -22.80 -27.55
C ALA B 220 -1.50 -22.71 -27.71
N VAL B 221 -0.75 -23.17 -26.70
CA VAL B 221 0.71 -23.16 -26.77
C VAL B 221 1.16 -24.09 -27.90
N ASP B 222 0.65 -25.32 -27.91
CA ASP B 222 1.03 -26.31 -28.92
C ASP B 222 0.76 -25.77 -30.32
N ALA B 223 -0.35 -25.03 -30.49
CA ALA B 223 -0.72 -24.49 -31.78
C ALA B 223 0.25 -23.40 -32.22
N ALA B 224 0.71 -22.59 -31.26
CA ALA B 224 1.65 -21.52 -31.54
C ALA B 224 2.97 -22.11 -32.06
N ILE B 225 3.40 -23.21 -31.43
CA ILE B 225 4.67 -23.83 -31.79
C ILE B 225 4.57 -24.47 -33.18
N VAL B 226 3.43 -25.09 -33.49
CA VAL B 226 3.22 -25.66 -34.82
C VAL B 226 3.31 -24.55 -35.86
N LYS B 227 2.68 -23.41 -35.58
CA LYS B 227 2.65 -22.29 -36.51
C LYS B 227 4.07 -21.77 -36.74
N PHE B 228 4.85 -21.65 -35.66
CA PHE B 228 6.24 -21.24 -35.74
C PHE B 228 7.03 -22.19 -36.67
N GLU B 229 6.79 -23.50 -36.53
CA GLU B 229 7.50 -24.51 -37.29
C GLU B 229 7.16 -24.40 -38.77
N GLN B 230 5.87 -24.20 -39.08
CA GLN B 230 5.40 -24.08 -40.47
C GLN B 230 5.98 -22.82 -41.12
N ASP B 231 5.98 -21.69 -40.40
CA ASP B 231 6.53 -20.45 -40.93
C ASP B 231 8.03 -20.61 -41.20
N TRP B 232 8.75 -21.22 -40.25
CA TRP B 232 10.19 -21.44 -40.35
C TRP B 232 10.52 -22.34 -41.56
N GLN B 233 9.78 -23.45 -41.69
CA GLN B 233 9.88 -24.34 -42.84
C GLN B 233 9.60 -23.59 -44.14
N GLY B 234 8.58 -22.72 -44.13
CA GLY B 234 8.18 -21.95 -45.31
C GLY B 234 9.32 -21.09 -45.84
N ALA B 235 10.12 -20.52 -44.93
CA ALA B 235 11.19 -19.59 -45.27
C ALA B 235 12.49 -20.34 -45.57
N PHE B 236 12.78 -21.42 -44.82
CA PHE B 236 14.13 -21.95 -44.71
C PHE B 236 14.24 -23.42 -45.12
N GLY B 237 13.12 -24.10 -45.33
CA GLY B 237 13.12 -25.44 -45.91
C GLY B 237 13.49 -26.53 -44.90
N ARG B 238 13.32 -26.25 -43.60
CA ARG B 238 13.59 -27.21 -42.53
C ARG B 238 12.92 -26.71 -41.25
N THR B 239 12.77 -27.57 -40.22
CA THR B 239 12.12 -27.15 -38.98
C THR B 239 13.13 -27.01 -37.84
N SER B 240 14.44 -27.07 -38.17
CA SER B 240 15.51 -26.98 -37.18
C SER B 240 16.22 -25.63 -37.29
N ILE B 241 16.97 -25.28 -36.23
CA ILE B 241 17.80 -24.08 -36.22
C ILE B 241 18.80 -24.15 -37.39
N MET C 22 1.29 -11.78 17.81
CA MET C 22 -0.05 -11.99 18.40
C MET C 22 0.08 -12.32 19.89
N GLU C 23 -0.82 -11.73 20.69
CA GLU C 23 -1.02 -12.15 22.06
C GLU C 23 -2.42 -12.74 22.16
N LEU C 24 -2.49 -14.03 22.52
CA LEU C 24 -3.75 -14.74 22.64
C LEU C 24 -4.08 -14.96 24.13
N TYR C 25 -5.20 -14.38 24.58
CA TYR C 25 -5.68 -14.51 25.96
C TYR C 25 -6.96 -15.33 26.00
N LEU C 26 -7.19 -15.98 27.15
CA LEU C 26 -8.53 -16.46 27.49
C LEU C 26 -9.17 -15.43 28.40
N ASP C 27 -10.50 -15.32 28.28
CA ASP C 27 -11.30 -14.37 29.03
C ASP C 27 -12.16 -15.14 30.02
N THR C 28 -11.63 -15.35 31.25
CA THR C 28 -12.17 -16.35 32.15
C THR C 28 -11.61 -16.19 33.56
N SER C 29 -12.38 -16.69 34.54
CA SER C 29 -11.91 -16.93 35.90
C SER C 29 -11.94 -18.43 36.22
N ASP C 30 -12.14 -19.28 35.20
CA ASP C 30 -12.21 -20.71 35.37
C ASP C 30 -10.80 -21.31 35.38
N VAL C 31 -10.23 -21.48 36.59
CA VAL C 31 -8.83 -21.81 36.74
C VAL C 31 -8.54 -23.18 36.11
N ALA C 32 -9.42 -24.17 36.34
CA ALA C 32 -9.21 -25.51 35.84
C ALA C 32 -9.21 -25.52 34.31
N ALA C 33 -10.06 -24.68 33.71
CA ALA C 33 -10.19 -24.59 32.26
C ALA C 33 -8.92 -23.97 31.66
N VAL C 34 -8.34 -23.01 32.38
CA VAL C 34 -7.09 -22.38 31.95
C VAL C 34 -5.97 -23.42 31.98
N LYS C 35 -5.92 -24.22 33.05
CA LYS C 35 -4.95 -25.31 33.17
C LYS C 35 -5.03 -26.23 31.95
N LYS C 36 -6.25 -26.65 31.60
CA LYS C 36 -6.52 -27.61 30.54
C LYS C 36 -6.10 -27.03 29.18
N LEU C 37 -6.45 -25.77 28.95
CA LEU C 37 -6.32 -25.17 27.61
C LEU C 37 -4.92 -24.59 27.40
N ALA C 38 -4.16 -24.37 28.48
CA ALA C 38 -2.82 -23.81 28.38
C ALA C 38 -1.85 -24.77 27.68
N ARG C 39 -2.13 -26.07 27.72
CA ARG C 39 -1.29 -27.05 27.03
C ARG C 39 -1.71 -27.19 25.56
N ILE C 40 -2.86 -26.61 25.18
CA ILE C 40 -3.42 -26.68 23.84
C ILE C 40 -3.04 -25.43 23.05
N PHE C 41 -3.53 -24.27 23.53
CA PHE C 41 -3.31 -22.99 22.86
C PHE C 41 -1.97 -22.40 23.28
N PRO C 42 -1.35 -21.56 22.43
CA PRO C 42 -0.22 -20.75 22.84
C PRO C 42 -0.66 -19.45 23.52
N LEU C 43 -1.00 -19.53 24.81
CA LEU C 43 -1.62 -18.41 25.53
C LEU C 43 -0.54 -17.42 25.97
N ALA C 44 -0.87 -16.13 25.86
CA ALA C 44 -0.05 -15.06 26.43
C ALA C 44 -0.48 -14.79 27.87
N GLY C 45 -1.67 -15.29 28.26
CA GLY C 45 -2.19 -15.11 29.60
C GLY C 45 -3.72 -15.14 29.65
N VAL C 46 -4.28 -14.44 30.66
CA VAL C 46 -5.70 -14.40 30.93
C VAL C 46 -6.15 -12.97 31.24
N THR C 47 -7.31 -12.61 30.70
CA THR C 47 -8.01 -11.38 31.05
C THR C 47 -9.18 -11.72 31.97
N THR C 48 -9.41 -10.82 32.96
CA THR C 48 -10.61 -10.80 33.76
C THR C 48 -11.30 -9.44 33.65
N ASN C 49 -12.59 -9.44 33.99
CA ASN C 49 -13.36 -8.23 34.24
C ASN C 49 -14.21 -8.47 35.49
N PRO C 50 -14.94 -7.45 35.97
CA PRO C 50 -15.67 -7.59 37.23
C PRO C 50 -16.73 -8.70 37.21
N SER C 51 -17.42 -8.88 36.08
CA SER C 51 -18.45 -9.92 35.94
C SER C 51 -17.83 -11.31 35.90
N ILE C 52 -16.71 -11.44 35.17
CA ILE C 52 -15.99 -12.70 35.05
C ILE C 52 -15.43 -13.09 36.42
N VAL C 53 -14.86 -12.13 37.15
CA VAL C 53 -14.39 -12.39 38.51
C VAL C 53 -15.58 -12.82 39.38
N ALA C 54 -16.71 -12.09 39.30
CA ALA C 54 -17.87 -12.38 40.14
C ALA C 54 -18.39 -13.80 39.89
N ALA C 55 -18.44 -14.20 38.62
CA ALA C 55 -18.91 -15.51 38.23
C ALA C 55 -18.10 -16.62 38.91
N GLY C 56 -16.81 -16.39 39.14
CA GLY C 56 -15.94 -17.42 39.71
C GLY C 56 -16.02 -17.44 41.24
N LYS C 57 -16.50 -16.33 41.84
CA LYS C 57 -16.74 -16.21 43.28
C LYS C 57 -15.43 -16.24 44.09
N THR C 58 -14.29 -16.06 43.41
CA THR C 58 -13.00 -16.05 44.08
C THR C 58 -12.43 -14.64 43.99
N PRO C 59 -12.03 -14.02 45.13
CA PRO C 59 -11.41 -12.70 45.08
C PRO C 59 -10.07 -12.72 44.33
N LEU C 60 -9.69 -11.54 43.82
CA LEU C 60 -8.55 -11.38 42.93
C LEU C 60 -7.25 -11.81 43.62
N ASP C 61 -7.15 -11.62 44.95
CA ASP C 61 -5.92 -11.91 45.67
C ASP C 61 -5.65 -13.41 45.75
N GLU C 62 -6.67 -14.23 45.45
CA GLU C 62 -6.51 -15.66 45.31
C GLU C 62 -6.57 -16.08 43.84
N LEU C 63 -7.42 -15.42 43.04
CA LEU C 63 -7.63 -15.81 41.65
C LEU C 63 -6.37 -15.57 40.82
N LEU C 64 -5.70 -14.43 41.02
CA LEU C 64 -4.62 -14.02 40.14
C LEU C 64 -3.41 -14.96 40.29
N PRO C 65 -2.96 -15.31 41.52
CA PRO C 65 -1.95 -16.35 41.69
C PRO C 65 -2.34 -17.70 41.10
N ALA C 66 -3.63 -18.06 41.28
CA ALA C 66 -4.17 -19.33 40.79
C ALA C 66 -4.11 -19.40 39.27
N LEU C 67 -4.41 -18.28 38.59
CA LEU C 67 -4.31 -18.22 37.14
C LEU C 67 -2.84 -18.30 36.72
N HIS C 68 -1.96 -17.58 37.42
CA HIS C 68 -0.53 -17.57 37.13
C HIS C 68 -0.01 -19.01 37.07
N ASP C 69 -0.40 -19.82 38.05
CA ASP C 69 0.01 -21.21 38.16
C ASP C 69 -0.64 -22.06 37.06
N ALA C 70 -1.94 -21.87 36.80
CA ALA C 70 -2.62 -22.60 35.74
C ALA C 70 -1.94 -22.41 34.38
N LEU C 71 -1.32 -21.25 34.17
CA LEU C 71 -0.65 -20.92 32.90
C LEU C 71 0.74 -21.57 32.85
N GLY C 72 1.21 -22.13 33.97
CA GLY C 72 2.53 -22.74 34.06
C GLY C 72 3.54 -21.84 34.78
N GLY C 73 3.04 -20.97 35.68
CA GLY C 73 3.88 -20.01 36.38
C GLY C 73 4.46 -18.96 35.44
N LYS C 74 3.61 -18.44 34.55
CA LYS C 74 4.00 -17.43 33.58
C LYS C 74 2.76 -16.70 33.05
N GLY C 75 2.97 -15.83 32.04
CA GLY C 75 1.87 -15.18 31.34
C GLY C 75 1.56 -13.81 31.92
N ARG C 76 0.71 -13.06 31.20
CA ARG C 76 0.29 -11.72 31.58
C ARG C 76 -1.17 -11.78 31.97
N LEU C 77 -1.51 -11.17 33.11
CA LEU C 77 -2.89 -11.12 33.59
C LEU C 77 -3.41 -9.68 33.53
N PHE C 78 -4.73 -9.56 33.39
CA PHE C 78 -5.42 -8.28 33.32
C PHE C 78 -6.58 -8.30 34.31
N ALA C 79 -6.72 -7.21 35.07
CA ALA C 79 -7.75 -7.07 36.09
C ALA C 79 -8.17 -5.61 36.17
N GLN C 80 -9.46 -5.39 36.47
CA GLN C 80 -10.08 -4.08 36.33
C GLN C 80 -10.24 -3.42 37.70
N VAL C 81 -9.99 -2.10 37.76
CA VAL C 81 -10.31 -1.24 38.88
C VAL C 81 -11.84 -1.21 39.08
N MET C 82 -12.28 -0.95 40.33
CA MET C 82 -13.71 -0.87 40.65
C MET C 82 -14.10 0.54 41.10
N ALA C 83 -13.13 1.37 41.49
CA ALA C 83 -13.39 2.72 42.00
C ALA C 83 -13.97 3.60 40.87
N THR C 84 -14.68 4.67 41.25
CA THR C 84 -15.34 5.56 40.30
C THR C 84 -14.66 6.94 40.21
N THR C 85 -13.65 7.21 41.05
CA THR C 85 -12.89 8.46 40.97
C THR C 85 -11.48 8.13 40.47
N ALA C 86 -10.82 9.09 39.82
CA ALA C 86 -9.48 8.85 39.30
C ALA C 86 -8.55 8.40 40.43
N GLU C 87 -8.67 9.06 41.58
CA GLU C 87 -7.76 8.83 42.70
C GLU C 87 -8.02 7.43 43.27
N GLY C 88 -9.31 7.04 43.31
CA GLY C 88 -9.71 5.71 43.76
C GLY C 88 -9.17 4.63 42.83
N MET C 89 -9.18 4.91 41.52
CA MET C 89 -8.76 3.95 40.51
C MET C 89 -7.25 3.72 40.62
N VAL C 90 -6.49 4.78 40.94
CA VAL C 90 -5.04 4.68 41.10
C VAL C 90 -4.73 3.80 42.31
N GLU C 91 -5.52 3.95 43.38
CA GLU C 91 -5.36 3.14 44.58
C GLU C 91 -5.63 1.67 44.27
N ASP C 92 -6.69 1.41 43.49
CA ASP C 92 -7.00 0.05 43.01
C ASP C 92 -5.82 -0.49 42.19
N ALA C 93 -5.27 0.33 41.29
CA ALA C 93 -4.22 -0.09 40.38
C ALA C 93 -3.00 -0.58 41.17
N ARG C 94 -2.62 0.18 42.21
CA ARG C 94 -1.52 -0.21 43.07
C ARG C 94 -1.78 -1.53 43.81
N LYS C 95 -3.01 -1.70 44.33
CA LYS C 95 -3.40 -2.95 44.98
C LYS C 95 -3.26 -4.13 44.01
N LEU C 96 -3.75 -3.95 42.77
CA LEU C 96 -3.73 -5.00 41.78
C LEU C 96 -2.28 -5.38 41.42
N ARG C 97 -1.42 -4.37 41.23
CA ARG C 97 -0.05 -4.61 40.81
C ARG C 97 0.72 -5.39 41.89
N ALA C 98 0.33 -5.20 43.16
CA ALA C 98 1.01 -5.82 44.28
C ALA C 98 0.71 -7.31 44.35
N ILE C 99 -0.39 -7.77 43.71
CA ILE C 99 -0.83 -9.16 43.86
C ILE C 99 0.08 -10.07 43.04
N ILE C 100 0.47 -9.62 41.83
CA ILE C 100 1.19 -10.44 40.88
C ILE C 100 1.96 -9.53 39.91
N ASN C 101 3.14 -9.97 39.45
CA ASN C 101 4.05 -9.10 38.71
C ASN C 101 3.44 -8.64 37.39
N ASP C 102 3.27 -9.58 36.44
CA ASP C 102 2.94 -9.26 35.06
C ASP C 102 1.44 -9.00 34.98
N LEU C 103 1.03 -7.79 35.39
CA LEU C 103 -0.37 -7.45 35.63
C LEU C 103 -0.64 -6.09 34.99
N VAL C 104 -1.57 -6.06 34.03
CA VAL C 104 -1.96 -4.84 33.35
C VAL C 104 -3.32 -4.42 33.90
N VAL C 105 -3.44 -3.15 34.30
CA VAL C 105 -4.62 -2.64 34.98
C VAL C 105 -5.62 -2.13 33.93
N LYS C 106 -6.84 -2.68 33.98
CA LYS C 106 -7.93 -2.28 33.12
C LYS C 106 -8.71 -1.14 33.75
N VAL C 107 -8.82 -0.03 32.99
CA VAL C 107 -9.49 1.17 33.46
C VAL C 107 -10.58 1.51 32.44
N PRO C 108 -11.86 1.66 32.85
CA PRO C 108 -12.91 2.06 31.93
C PRO C 108 -12.66 3.45 31.36
N VAL C 109 -12.84 3.62 30.05
CA VAL C 109 -12.49 4.88 29.42
C VAL C 109 -13.67 5.84 29.59
N THR C 110 -13.74 6.42 30.81
CA THR C 110 -14.71 7.43 31.19
C THR C 110 -13.97 8.73 31.46
N VAL C 111 -14.69 9.74 31.94
CA VAL C 111 -14.07 10.99 32.36
C VAL C 111 -13.00 10.68 33.41
N GLU C 112 -13.38 10.01 34.49
CA GLU C 112 -12.45 9.73 35.58
C GLU C 112 -11.41 8.69 35.16
N GLY C 113 -11.81 7.74 34.29
CA GLY C 113 -10.91 6.71 33.81
C GLY C 113 -9.77 7.27 32.98
N LEU C 114 -10.08 8.26 32.12
CA LEU C 114 -9.05 8.88 31.30
C LEU C 114 -8.05 9.58 32.21
N ALA C 115 -8.58 10.30 33.22
CA ALA C 115 -7.76 11.01 34.21
C ALA C 115 -6.85 10.02 34.93
N ALA C 116 -7.40 8.85 35.32
CA ALA C 116 -6.63 7.82 36.00
C ALA C 116 -5.53 7.26 35.10
N ILE C 117 -5.83 7.07 33.81
CA ILE C 117 -4.85 6.53 32.86
C ILE C 117 -3.64 7.47 32.75
N LYS C 118 -3.87 8.79 32.73
CA LYS C 118 -2.76 9.73 32.67
C LYS C 118 -1.88 9.64 33.94
N MET C 119 -2.53 9.54 35.11
CA MET C 119 -1.82 9.43 36.39
C MET C 119 -1.01 8.13 36.44
N LEU C 120 -1.60 7.02 35.95
CA LEU C 120 -0.96 5.72 35.98
C LEU C 120 0.21 5.68 35.00
N LYS C 121 0.10 6.45 33.90
CA LYS C 121 1.20 6.62 32.96
C LYS C 121 2.36 7.31 33.68
N ALA C 122 2.08 8.38 34.41
CA ALA C 122 3.09 9.13 35.14
C ALA C 122 3.80 8.25 36.17
N GLU C 123 3.09 7.27 36.75
CA GLU C 123 3.63 6.37 37.76
C GLU C 123 4.33 5.16 37.16
N GLY C 124 4.09 4.88 35.87
CA GLY C 124 4.65 3.70 35.22
C GLY C 124 3.88 2.41 35.53
N ILE C 125 2.57 2.53 35.78
CA ILE C 125 1.72 1.36 35.91
C ILE C 125 1.06 1.11 34.55
N PRO C 126 1.31 -0.04 33.90
CA PRO C 126 0.73 -0.33 32.58
C PRO C 126 -0.78 -0.46 32.63
N THR C 127 -1.47 0.13 31.63
CA THR C 127 -2.92 0.14 31.61
C THR C 127 -3.46 -0.38 30.27
N LEU C 128 -4.72 -0.82 30.37
CA LEU C 128 -5.61 -1.08 29.25
C LEU C 128 -6.85 -0.23 29.45
N GLY C 129 -7.22 0.53 28.41
CA GLY C 129 -8.50 1.23 28.38
C GLY C 129 -9.61 0.27 27.98
N THR C 130 -10.55 0.02 28.90
CA THR C 130 -11.60 -0.96 28.69
C THR C 130 -12.97 -0.28 28.58
N ALA C 131 -13.98 -1.10 28.30
CA ALA C 131 -15.35 -0.64 28.09
C ALA C 131 -15.38 0.36 26.93
N VAL C 132 -14.67 0.05 25.85
CA VAL C 132 -14.63 0.89 24.68
C VAL C 132 -15.73 0.47 23.72
N TYR C 133 -16.63 1.44 23.43
CA TYR C 133 -17.76 1.25 22.53
C TYR C 133 -17.64 2.14 21.30
N GLY C 134 -16.57 2.95 21.21
CA GLY C 134 -16.31 3.74 20.01
C GLY C 134 -14.82 3.96 19.80
N ALA C 135 -14.46 4.27 18.54
CA ALA C 135 -13.06 4.33 18.13
C ALA C 135 -12.35 5.52 18.77
N ALA C 136 -12.97 6.70 18.73
CA ALA C 136 -12.34 7.91 19.27
C ALA C 136 -12.10 7.77 20.77
N GLN C 137 -13.10 7.26 21.51
CA GLN C 137 -12.97 6.92 22.93
C GLN C 137 -11.75 6.05 23.15
N GLY C 138 -11.61 4.98 22.35
CA GLY C 138 -10.48 4.07 22.43
C GLY C 138 -9.14 4.79 22.20
N MET C 139 -9.07 5.57 21.12
CA MET C 139 -7.85 6.29 20.78
C MET C 139 -7.41 7.23 21.91
N LEU C 140 -8.38 7.93 22.54
CA LEU C 140 -8.08 8.86 23.62
C LEU C 140 -7.40 8.15 24.78
N SER C 141 -7.82 6.90 25.05
CA SER C 141 -7.21 6.14 26.14
C SER C 141 -5.74 5.79 25.79
N ALA C 142 -5.46 5.54 24.51
CA ALA C 142 -4.10 5.26 24.06
C ALA C 142 -3.22 6.52 24.16
N LEU C 143 -3.74 7.67 23.71
CA LEU C 143 -3.03 8.93 23.80
C LEU C 143 -2.72 9.27 25.26
N ALA C 144 -3.61 8.85 26.16
CA ALA C 144 -3.48 9.14 27.58
C ALA C 144 -2.42 8.24 28.24
N GLY C 145 -2.07 7.11 27.59
CA GLY C 145 -0.95 6.29 28.02
C GLY C 145 -1.25 4.78 28.04
N ALA C 146 -2.49 4.36 27.76
CA ALA C 146 -2.85 2.96 27.76
C ALA C 146 -2.08 2.20 26.67
N GLU C 147 -1.54 1.03 27.05
CA GLU C 147 -0.76 0.18 26.17
C GLU C 147 -1.69 -0.70 25.32
N TYR C 148 -2.89 -0.99 25.86
CA TYR C 148 -3.92 -1.77 25.20
C TYR C 148 -5.22 -0.96 25.20
N VAL C 149 -6.08 -1.22 24.20
CA VAL C 149 -7.44 -0.70 24.16
C VAL C 149 -8.37 -1.85 23.81
N ALA C 150 -9.38 -2.09 24.68
CA ALA C 150 -10.27 -3.23 24.57
C ALA C 150 -11.66 -2.76 24.14
N PRO C 151 -11.98 -2.79 22.82
CA PRO C 151 -13.35 -2.64 22.37
C PRO C 151 -14.22 -3.84 22.75
N TYR C 152 -15.46 -3.56 23.17
CA TYR C 152 -16.44 -4.59 23.51
C TYR C 152 -17.23 -4.92 22.26
N VAL C 153 -16.66 -5.80 21.42
CA VAL C 153 -17.15 -6.06 20.07
C VAL C 153 -18.61 -6.51 20.10
N ASN C 154 -18.90 -7.57 20.87
CA ASN C 154 -20.24 -8.14 20.82
C ASN C 154 -21.26 -7.17 21.42
N ARG C 155 -20.83 -6.34 22.37
CA ARG C 155 -21.75 -5.42 23.02
C ARG C 155 -22.18 -4.34 22.04
N VAL C 156 -21.25 -3.89 21.19
CA VAL C 156 -21.58 -2.94 20.13
C VAL C 156 -22.52 -3.61 19.12
N ASP C 157 -22.21 -4.85 18.73
CA ASP C 157 -23.07 -5.64 17.86
C ASP C 157 -24.46 -5.79 18.47
N ALA C 158 -24.52 -6.09 19.78
CA ALA C 158 -25.78 -6.47 20.40
C ALA C 158 -26.71 -5.26 20.55
N GLN C 159 -26.14 -4.04 20.58
CA GLN C 159 -26.93 -2.84 20.84
C GLN C 159 -27.19 -2.06 19.55
N GLY C 160 -27.08 -2.73 18.40
CA GLY C 160 -27.56 -2.19 17.13
C GLY C 160 -26.48 -1.40 16.39
N GLY C 161 -25.21 -1.57 16.79
CA GLY C 161 -24.09 -0.96 16.10
C GLY C 161 -23.35 -1.99 15.25
N ASP C 162 -22.10 -1.65 14.91
CA ASP C 162 -21.30 -2.48 14.04
C ASP C 162 -19.96 -2.70 14.72
N GLY C 163 -19.87 -3.77 15.53
CA GLY C 163 -18.69 -4.01 16.35
C GLY C 163 -17.41 -4.08 15.53
N ILE C 164 -17.44 -4.83 14.41
CA ILE C 164 -16.26 -5.02 13.60
C ILE C 164 -15.82 -3.69 12.98
N GLN C 165 -16.78 -2.88 12.48
CA GLN C 165 -16.42 -1.57 11.95
C GLN C 165 -15.77 -0.69 13.02
N THR C 166 -16.24 -0.78 14.27
CA THR C 166 -15.65 -0.06 15.39
C THR C 166 -14.18 -0.49 15.58
N VAL C 167 -13.93 -1.80 15.47
CA VAL C 167 -12.58 -2.35 15.61
C VAL C 167 -11.71 -1.88 14.46
N ILE C 168 -12.25 -1.89 13.24
CA ILE C 168 -11.49 -1.43 12.08
C ILE C 168 -11.08 0.03 12.28
N GLU C 169 -12.00 0.87 12.75
CA GLU C 169 -11.72 2.30 12.92
C GLU C 169 -10.70 2.50 14.04
N LEU C 170 -10.86 1.77 15.14
CA LEU C 170 -9.97 1.89 16.29
C LEU C 170 -8.55 1.51 15.88
N GLN C 171 -8.41 0.37 15.19
CA GLN C 171 -7.12 -0.12 14.73
C GLN C 171 -6.47 0.94 13.83
N GLN C 172 -7.26 1.50 12.90
CA GLN C 172 -6.77 2.55 12.02
C GLN C 172 -6.28 3.75 12.83
N LEU C 173 -7.02 4.15 13.88
CA LEU C 173 -6.66 5.31 14.68
C LEU C 173 -5.33 5.06 15.41
N LEU C 174 -5.14 3.85 15.93
CA LEU C 174 -3.94 3.49 16.68
C LEU C 174 -2.75 3.41 15.71
N THR C 175 -2.96 2.81 14.53
CA THR C 175 -1.90 2.69 13.53
C THR C 175 -1.44 4.09 13.12
N LEU C 176 -2.38 5.02 12.97
CA LEU C 176 -2.08 6.37 12.52
C LEU C 176 -1.49 7.21 13.66
N HIS C 177 -2.05 7.09 14.88
CA HIS C 177 -1.99 8.17 15.85
C HIS C 177 -1.38 7.73 17.17
N ALA C 178 -1.31 6.41 17.44
CA ALA C 178 -0.77 5.90 18.70
C ALA C 178 -0.18 4.51 18.51
N PRO C 179 0.79 4.34 17.58
CA PRO C 179 1.18 3.01 17.12
C PRO C 179 1.89 2.17 18.18
N GLN C 180 2.22 2.76 19.34
CA GLN C 180 2.77 2.01 20.46
C GLN C 180 1.68 1.23 21.18
N SER C 181 0.40 1.57 20.95
CA SER C 181 -0.72 0.93 21.62
C SER C 181 -1.27 -0.20 20.76
N LYS C 182 -1.88 -1.19 21.41
CA LYS C 182 -2.44 -2.36 20.76
C LYS C 182 -3.95 -2.40 21.00
N VAL C 183 -4.69 -2.91 20.00
CA VAL C 183 -6.05 -3.35 20.23
C VAL C 183 -6.03 -4.72 20.88
N LEU C 184 -6.76 -4.85 22.00
CA LEU C 184 -7.07 -6.13 22.61
C LEU C 184 -8.56 -6.41 22.47
N ALA C 185 -8.94 -7.00 21.33
CA ALA C 185 -10.35 -7.18 21.00
C ALA C 185 -10.95 -8.16 21.99
N ALA C 186 -12.16 -7.83 22.47
CA ALA C 186 -12.84 -8.62 23.47
C ALA C 186 -14.35 -8.61 23.22
N SER C 187 -15.06 -9.52 23.92
CA SER C 187 -16.51 -9.61 23.92
C SER C 187 -16.97 -10.31 22.65
N PHE C 188 -17.17 -11.63 22.74
CA PHE C 188 -17.40 -12.45 21.56
C PHE C 188 -18.50 -13.46 21.85
N LYS C 189 -19.41 -13.64 20.87
CA LYS C 189 -20.38 -14.72 20.91
C LYS C 189 -20.14 -15.73 19.80
N THR C 190 -19.35 -15.35 18.78
CA THR C 190 -19.11 -16.23 17.64
C THR C 190 -17.68 -16.10 17.14
N PRO C 191 -17.06 -17.24 16.76
CA PRO C 191 -15.76 -17.27 16.09
C PRO C 191 -15.61 -16.24 14.97
N ARG C 192 -16.68 -15.99 14.21
CA ARG C 192 -16.61 -15.08 13.08
C ARG C 192 -16.23 -13.67 13.56
N GLN C 193 -16.78 -13.23 14.70
CA GLN C 193 -16.44 -11.93 15.26
C GLN C 193 -14.94 -11.84 15.55
N ALA C 194 -14.39 -12.87 16.19
CA ALA C 194 -12.99 -12.90 16.57
C ALA C 194 -12.06 -12.96 15.36
N LEU C 195 -12.43 -13.79 14.37
CA LEU C 195 -11.71 -13.86 13.10
C LEU C 195 -11.65 -12.47 12.46
N ASP C 196 -12.80 -11.80 12.37
CA ASP C 196 -12.87 -10.50 11.69
C ASP C 196 -11.99 -9.47 12.40
N CYS C 197 -11.89 -9.54 13.74
CA CYS C 197 -10.99 -8.68 14.50
C CYS C 197 -9.53 -8.97 14.17
N LEU C 198 -9.18 -10.26 14.04
CA LEU C 198 -7.83 -10.67 13.69
C LEU C 198 -7.47 -10.21 12.27
N LEU C 199 -8.43 -10.27 11.35
CA LEU C 199 -8.22 -9.82 9.98
C LEU C 199 -8.02 -8.31 9.93
N ALA C 200 -8.67 -7.59 10.86
CA ALA C 200 -8.60 -6.14 10.94
C ALA C 200 -7.25 -5.66 11.46
N GLY C 201 -6.48 -6.57 12.06
CA GLY C 201 -5.08 -6.32 12.41
C GLY C 201 -4.85 -6.22 13.92
N CYS C 202 -5.86 -6.57 14.72
CA CYS C 202 -5.70 -6.53 16.18
C CYS C 202 -4.51 -7.40 16.59
N GLU C 203 -3.63 -6.81 17.41
CA GLU C 203 -2.38 -7.48 17.78
C GLU C 203 -2.57 -8.34 19.03
N SER C 204 -3.72 -8.19 19.70
CA SER C 204 -4.08 -9.03 20.83
C SER C 204 -5.59 -9.27 20.85
N ILE C 205 -5.96 -10.37 21.50
CA ILE C 205 -7.35 -10.80 21.53
C ILE C 205 -7.56 -11.66 22.77
N THR C 206 -8.76 -11.58 23.36
CA THR C 206 -9.14 -12.44 24.46
C THR C 206 -10.45 -13.13 24.11
N LEU C 207 -10.46 -14.46 24.25
CA LEU C 207 -11.56 -15.30 23.82
C LEU C 207 -12.24 -15.87 25.06
N PRO C 208 -13.60 -15.88 25.12
CA PRO C 208 -14.30 -16.76 26.05
C PRO C 208 -14.08 -18.22 25.68
N LEU C 209 -14.29 -19.11 26.65
CA LEU C 209 -13.93 -20.51 26.50
C LEU C 209 -14.67 -21.14 25.32
N ASP C 210 -15.95 -20.80 25.15
CA ASP C 210 -16.80 -21.43 24.15
C ASP C 210 -16.28 -21.11 22.74
N VAL C 211 -15.93 -19.84 22.49
CA VAL C 211 -15.46 -19.42 21.19
C VAL C 211 -14.08 -20.03 20.91
N ALA C 212 -13.18 -19.99 21.91
CA ALA C 212 -11.85 -20.53 21.77
C ALA C 212 -11.91 -21.99 21.33
N GLN C 213 -12.81 -22.76 21.94
CA GLN C 213 -12.91 -24.19 21.66
C GLN C 213 -13.58 -24.43 20.30
N GLN C 214 -14.48 -23.54 19.88
CA GLN C 214 -15.14 -23.68 18.59
C GLN C 214 -14.11 -23.56 17.45
N PHE C 215 -13.07 -22.75 17.65
CA PHE C 215 -12.02 -22.56 16.65
C PHE C 215 -11.38 -23.91 16.27
N ILE C 216 -11.27 -24.83 17.24
CA ILE C 216 -10.52 -26.08 17.05
C ILE C 216 -11.42 -27.30 17.26
N THR C 217 -12.73 -27.13 17.05
CA THR C 217 -13.70 -28.21 16.95
C THR C 217 -14.36 -28.08 15.58
N SER C 218 -14.37 -29.17 14.81
CA SER C 218 -14.87 -29.11 13.45
C SER C 218 -15.33 -30.49 12.99
N PRO C 219 -16.62 -30.64 12.58
CA PRO C 219 -17.05 -31.88 11.95
C PRO C 219 -16.26 -32.22 10.68
N ALA C 220 -15.90 -31.21 9.90
CA ALA C 220 -15.18 -31.41 8.65
C ALA C 220 -13.78 -31.96 8.93
N VAL C 221 -13.09 -31.39 9.93
CA VAL C 221 -11.75 -31.86 10.31
C VAL C 221 -11.85 -33.29 10.85
N ASP C 222 -12.85 -33.55 11.69
CA ASP C 222 -13.00 -34.88 12.30
C ASP C 222 -13.22 -35.94 11.22
N ALA C 223 -14.01 -35.58 10.20
CA ALA C 223 -14.34 -36.47 9.09
C ALA C 223 -13.11 -36.75 8.24
N ALA C 224 -12.27 -35.72 8.03
CA ALA C 224 -11.04 -35.89 7.27
C ALA C 224 -10.15 -36.92 7.95
N ILE C 225 -10.05 -36.85 9.28
CA ILE C 225 -9.16 -37.70 10.05
C ILE C 225 -9.67 -39.14 10.03
N VAL C 226 -11.00 -39.32 10.13
CA VAL C 226 -11.62 -40.64 10.03
C VAL C 226 -11.28 -41.28 8.67
N LYS C 227 -11.42 -40.53 7.58
CA LYS C 227 -11.21 -41.06 6.24
C LYS C 227 -9.74 -41.48 6.07
N PHE C 228 -8.81 -40.64 6.57
CA PHE C 228 -7.40 -40.99 6.60
C PHE C 228 -7.19 -42.33 7.31
N GLU C 229 -7.74 -42.46 8.52
CA GLU C 229 -7.63 -43.67 9.32
C GLU C 229 -8.15 -44.89 8.54
N GLN C 230 -9.28 -44.72 7.84
CA GLN C 230 -9.91 -45.81 7.10
C GLN C 230 -9.05 -46.21 5.91
N ASP C 231 -8.52 -45.23 5.19
CA ASP C 231 -7.67 -45.47 4.03
C ASP C 231 -6.40 -46.21 4.46
N TRP C 232 -5.77 -45.75 5.55
CA TRP C 232 -4.55 -46.35 6.07
C TRP C 232 -4.81 -47.81 6.47
N GLN C 233 -5.88 -48.04 7.23
CA GLN C 233 -6.30 -49.36 7.66
C GLN C 233 -6.46 -50.28 6.46
N GLY C 234 -7.17 -49.79 5.43
CA GLY C 234 -7.40 -50.53 4.20
C GLY C 234 -6.11 -51.05 3.57
N ALA C 235 -5.08 -50.20 3.54
CA ALA C 235 -3.84 -50.51 2.83
C ALA C 235 -2.89 -51.35 3.69
N PHE C 236 -2.86 -51.11 5.01
CA PHE C 236 -1.74 -51.54 5.85
C PHE C 236 -2.20 -52.41 7.01
N GLY C 237 -3.51 -52.51 7.25
CA GLY C 237 -4.07 -53.44 8.21
C GLY C 237 -3.80 -53.01 9.66
N ARG C 238 -3.69 -51.69 9.87
CA ARG C 238 -3.63 -51.08 11.19
C ARG C 238 -3.91 -49.59 11.04
N THR C 239 -4.04 -48.86 12.16
CA THR C 239 -4.25 -47.40 12.12
C THR C 239 -3.08 -46.69 12.80
N SER C 240 -1.91 -47.35 12.85
CA SER C 240 -0.71 -46.79 13.46
C SER C 240 0.39 -46.62 12.41
N ILE C 241 1.34 -45.72 12.71
CA ILE C 241 2.48 -45.44 11.83
C ILE C 241 3.32 -46.72 11.67
N MET D 22 -0.11 12.57 17.55
CA MET D 22 -1.37 13.37 17.62
C MET D 22 -1.16 14.58 18.53
N GLU D 23 -1.65 15.73 18.10
CA GLU D 23 -1.78 16.90 18.96
C GLU D 23 -3.26 17.20 19.16
N LEU D 24 -3.72 17.07 20.41
CA LEU D 24 -5.12 17.28 20.76
C LEU D 24 -5.31 18.65 21.40
N TYR D 25 -6.13 19.51 20.76
CA TYR D 25 -6.39 20.86 21.26
C TYR D 25 -7.86 20.99 21.64
N LEU D 26 -8.14 21.89 22.60
CA LEU D 26 -9.48 22.41 22.79
C LEU D 26 -9.62 23.75 22.08
N ASP D 27 -10.83 23.99 21.55
CA ASP D 27 -11.17 25.19 20.79
C ASP D 27 -12.16 26.03 21.61
N THR D 28 -11.62 26.95 22.44
CA THR D 28 -12.39 27.55 23.53
C THR D 28 -11.68 28.79 24.04
N SER D 29 -12.45 29.69 24.70
CA SER D 29 -11.89 30.72 25.54
C SER D 29 -12.37 30.59 26.99
N ASP D 30 -12.85 29.40 27.35
CA ASP D 30 -13.44 29.11 28.66
C ASP D 30 -12.35 28.54 29.57
N VAL D 31 -11.71 29.42 30.35
CA VAL D 31 -10.52 29.09 31.12
C VAL D 31 -10.83 28.00 32.16
N ALA D 32 -11.98 28.12 32.83
CA ALA D 32 -12.37 27.17 33.87
C ALA D 32 -12.58 25.78 33.29
N ALA D 33 -13.19 25.72 32.09
CA ALA D 33 -13.40 24.45 31.40
C ALA D 33 -12.07 23.82 31.00
N VAL D 34 -11.12 24.67 30.56
CA VAL D 34 -9.81 24.18 30.17
C VAL D 34 -9.11 23.58 31.38
N LYS D 35 -9.18 24.24 32.53
CA LYS D 35 -8.54 23.73 33.74
C LYS D 35 -9.12 22.36 34.10
N LYS D 36 -10.44 22.24 34.01
CA LYS D 36 -11.14 21.01 34.37
C LYS D 36 -10.75 19.88 33.43
N LEU D 37 -10.75 20.17 32.12
CA LEU D 37 -10.56 19.15 31.10
C LEU D 37 -9.09 18.80 30.92
N ALA D 38 -8.16 19.67 31.35
CA ALA D 38 -6.73 19.43 31.18
C ALA D 38 -6.25 18.22 31.99
N ARG D 39 -6.95 17.89 33.08
CA ARG D 39 -6.58 16.73 33.87
C ARG D 39 -7.20 15.45 33.32
N ILE D 40 -8.10 15.58 32.33
CA ILE D 40 -8.81 14.44 31.78
C ILE D 40 -8.16 14.03 30.45
N PHE D 41 -8.07 14.98 29.50
CA PHE D 41 -7.48 14.72 28.19
C PHE D 41 -5.98 14.98 28.24
N PRO D 42 -5.21 14.32 27.34
CA PRO D 42 -3.83 14.70 27.06
C PRO D 42 -3.74 15.83 26.04
N LEU D 43 -3.89 17.07 26.54
CA LEU D 43 -4.02 18.25 25.70
C LEU D 43 -2.64 18.73 25.30
N ALA D 44 -2.50 19.12 24.02
CA ALA D 44 -1.33 19.83 23.52
C ALA D 44 -1.46 21.34 23.77
N GLY D 45 -2.69 21.81 23.98
CA GLY D 45 -2.97 23.21 24.25
C GLY D 45 -4.37 23.61 23.82
N VAL D 46 -4.50 24.87 23.40
CA VAL D 46 -5.79 25.49 23.12
C VAL D 46 -5.65 26.37 21.88
N THR D 47 -6.66 26.26 20.99
CA THR D 47 -6.79 27.18 19.86
C THR D 47 -7.89 28.20 20.17
N THR D 48 -7.70 29.42 19.63
CA THR D 48 -8.73 30.44 19.61
C THR D 48 -8.87 30.95 18.18
N ASN D 49 -10.01 31.59 17.92
CA ASN D 49 -10.23 32.44 16.76
C ASN D 49 -10.93 33.70 17.24
N PRO D 50 -11.16 34.71 16.36
CA PRO D 50 -11.76 35.95 16.83
C PRO D 50 -13.16 35.80 17.46
N SER D 51 -13.96 34.86 16.95
CA SER D 51 -15.31 34.64 17.46
C SER D 51 -15.26 34.02 18.86
N ILE D 52 -14.36 33.05 19.04
CA ILE D 52 -14.21 32.36 20.30
C ILE D 52 -13.68 33.33 21.36
N VAL D 53 -12.73 34.20 20.98
CA VAL D 53 -12.23 35.20 21.90
C VAL D 53 -13.36 36.16 22.27
N ALA D 54 -14.10 36.67 21.26
CA ALA D 54 -15.21 37.59 21.48
C ALA D 54 -16.24 36.97 22.44
N ALA D 55 -16.55 35.69 22.24
CA ALA D 55 -17.53 34.97 23.05
C ALA D 55 -17.19 35.04 24.55
N GLY D 56 -15.90 35.00 24.86
CA GLY D 56 -15.41 34.96 26.23
C GLY D 56 -15.31 36.36 26.83
N LYS D 57 -15.30 37.40 25.99
CA LYS D 57 -15.34 38.79 26.42
C LYS D 57 -14.08 39.18 27.22
N THR D 58 -13.03 38.37 27.15
CA THR D 58 -11.75 38.62 27.81
C THR D 58 -10.73 38.92 26.72
N PRO D 59 -9.99 40.05 26.76
CA PRO D 59 -8.98 40.33 25.75
C PRO D 59 -7.83 39.32 25.80
N LEU D 60 -7.12 39.22 24.67
CA LEU D 60 -6.06 38.25 24.46
C LEU D 60 -4.99 38.37 25.55
N ASP D 61 -4.62 39.60 25.94
CA ASP D 61 -3.45 39.76 26.80
C ASP D 61 -3.77 39.29 28.22
N GLU D 62 -5.06 39.08 28.53
CA GLU D 62 -5.51 38.43 29.75
C GLU D 62 -5.85 36.96 29.49
N LEU D 63 -6.49 36.68 28.35
CA LEU D 63 -6.98 35.33 28.08
C LEU D 63 -5.82 34.34 27.95
N LEU D 64 -4.82 34.68 27.14
CA LEU D 64 -3.80 33.73 26.72
C LEU D 64 -2.94 33.31 27.93
N PRO D 65 -2.55 34.22 28.84
CA PRO D 65 -1.88 33.80 30.07
C PRO D 65 -2.75 32.93 30.99
N ALA D 66 -4.05 33.24 31.05
CA ALA D 66 -4.98 32.47 31.86
C ALA D 66 -5.12 31.04 31.31
N LEU D 67 -5.14 30.91 29.98
CA LEU D 67 -5.19 29.60 29.31
C LEU D 67 -3.92 28.80 29.61
N HIS D 68 -2.74 29.45 29.43
CA HIS D 68 -1.45 28.86 29.76
C HIS D 68 -1.47 28.29 31.19
N ASP D 69 -1.99 29.08 32.13
CA ASP D 69 -2.05 28.68 33.53
C ASP D 69 -3.01 27.50 33.69
N ALA D 70 -4.16 27.55 33.02
CA ALA D 70 -5.18 26.52 33.15
C ALA D 70 -4.68 25.17 32.64
N LEU D 71 -3.76 25.20 31.65
CA LEU D 71 -3.21 23.97 31.09
C LEU D 71 -2.20 23.35 32.04
N GLY D 72 -1.89 24.04 33.14
CA GLY D 72 -0.87 23.64 34.09
C GLY D 72 0.49 24.29 33.76
N GLY D 73 0.46 25.50 33.20
CA GLY D 73 1.66 26.28 32.88
C GLY D 73 2.46 25.66 31.74
N LYS D 74 1.78 25.07 30.76
CA LYS D 74 2.44 24.49 29.60
C LYS D 74 1.54 24.62 28.37
N GLY D 75 1.94 23.96 27.27
CA GLY D 75 1.08 23.78 26.12
C GLY D 75 1.29 24.87 25.06
N ARG D 76 0.75 24.60 23.87
CA ARG D 76 0.82 25.53 22.74
C ARG D 76 -0.52 26.22 22.58
N LEU D 77 -0.48 27.53 22.30
CA LEU D 77 -1.68 28.32 22.07
C LEU D 77 -1.67 28.85 20.63
N PHE D 78 -2.88 29.07 20.09
CA PHE D 78 -3.08 29.64 18.77
C PHE D 78 -4.01 30.85 18.90
N ALA D 79 -3.64 31.95 18.23
CA ALA D 79 -4.48 33.12 18.14
C ALA D 79 -4.32 33.76 16.77
N GLN D 80 -5.38 34.45 16.32
CA GLN D 80 -5.51 34.86 14.92
C GLN D 80 -5.26 36.36 14.81
N VAL D 81 -4.56 36.74 13.73
CA VAL D 81 -4.39 38.14 13.34
C VAL D 81 -5.75 38.71 12.93
N MET D 82 -5.86 40.05 12.95
CA MET D 82 -7.07 40.77 12.60
C MET D 82 -6.84 41.74 11.43
N ALA D 83 -5.59 42.08 11.13
CA ALA D 83 -5.30 43.03 10.06
C ALA D 83 -5.59 42.41 8.70
N THR D 84 -5.71 43.27 7.66
CA THR D 84 -6.16 42.85 6.34
C THR D 84 -5.07 43.04 5.27
N THR D 85 -3.94 43.68 5.63
CA THR D 85 -2.78 43.71 4.75
C THR D 85 -1.71 42.78 5.30
N ALA D 86 -0.83 42.29 4.41
CA ALA D 86 0.26 41.41 4.79
C ALA D 86 1.13 42.06 5.89
N GLU D 87 1.40 43.36 5.70
CA GLU D 87 2.29 44.08 6.61
C GLU D 87 1.64 44.22 7.99
N GLY D 88 0.31 44.46 8.00
CA GLY D 88 -0.44 44.57 9.22
C GLY D 88 -0.51 43.22 9.96
N MET D 89 -0.62 42.14 9.18
CA MET D 89 -0.68 40.79 9.73
C MET D 89 0.66 40.42 10.37
N VAL D 90 1.77 40.89 9.82
CA VAL D 90 3.08 40.64 10.40
C VAL D 90 3.18 41.36 11.75
N GLU D 91 2.72 42.63 11.77
CA GLU D 91 2.65 43.41 13.00
C GLU D 91 1.82 42.68 14.06
N ASP D 92 0.63 42.20 13.67
CA ASP D 92 -0.24 41.47 14.57
C ASP D 92 0.45 40.22 15.11
N ALA D 93 1.20 39.53 14.25
CA ALA D 93 1.88 38.29 14.62
C ALA D 93 2.87 38.56 15.76
N ARG D 94 3.63 39.63 15.61
CA ARG D 94 4.62 40.05 16.59
C ARG D 94 3.92 40.44 17.91
N LYS D 95 2.78 41.12 17.82
CA LYS D 95 2.02 41.49 19.02
C LYS D 95 1.54 40.25 19.75
N LEU D 96 1.09 39.23 19.01
CA LEU D 96 0.57 38.01 19.61
C LEU D 96 1.71 37.22 20.26
N ARG D 97 2.85 37.13 19.57
CA ARG D 97 4.01 36.41 20.08
C ARG D 97 4.54 37.07 21.35
N ALA D 98 4.30 38.38 21.53
CA ALA D 98 4.76 39.12 22.70
C ALA D 98 3.93 38.79 23.94
N ILE D 99 2.72 38.23 23.76
CA ILE D 99 1.81 37.97 24.85
C ILE D 99 2.25 36.72 25.62
N ILE D 100 2.58 35.64 24.89
CA ILE D 100 2.87 34.36 25.53
C ILE D 100 3.82 33.55 24.65
N ASN D 101 4.59 32.64 25.26
CA ASN D 101 5.76 32.08 24.60
C ASN D 101 5.37 31.17 23.44
N ASP D 102 4.78 30.01 23.74
CA ASP D 102 4.60 28.97 22.73
C ASP D 102 3.30 29.25 21.96
N LEU D 103 3.31 30.33 21.17
CA LEU D 103 2.13 30.78 20.47
C LEU D 103 2.34 30.62 18.97
N VAL D 104 1.36 30.01 18.30
CA VAL D 104 1.34 29.91 16.85
C VAL D 104 0.28 30.87 16.31
N VAL D 105 0.69 31.65 15.30
CA VAL D 105 -0.11 32.72 14.75
C VAL D 105 -0.97 32.14 13.63
N LYS D 106 -2.29 32.32 13.76
CA LYS D 106 -3.24 31.94 12.73
C LYS D 106 -3.40 33.08 11.72
N VAL D 107 -3.26 32.73 10.44
CA VAL D 107 -3.35 33.69 9.35
C VAL D 107 -4.37 33.15 8.36
N PRO D 108 -5.44 33.91 8.05
CA PRO D 108 -6.40 33.46 7.04
C PRO D 108 -5.73 33.32 5.68
N VAL D 109 -6.02 32.22 4.98
CA VAL D 109 -5.35 31.95 3.72
C VAL D 109 -6.09 32.69 2.60
N THR D 110 -5.71 33.98 2.47
CA THR D 110 -6.16 34.90 1.43
C THR D 110 -4.94 35.34 0.61
N VAL D 111 -5.13 36.30 -0.31
CA VAL D 111 -4.02 36.87 -1.05
C VAL D 111 -3.01 37.48 -0.07
N GLU D 112 -3.50 38.35 0.82
CA GLU D 112 -2.66 39.07 1.75
C GLU D 112 -2.13 38.11 2.84
N GLY D 113 -2.95 37.14 3.22
CA GLY D 113 -2.56 36.14 4.21
C GLY D 113 -1.41 35.26 3.72
N LEU D 114 -1.45 34.82 2.45
CA LEU D 114 -0.37 34.02 1.90
C LEU D 114 0.91 34.85 1.90
N ALA D 115 0.79 36.14 1.53
CA ALA D 115 1.94 37.02 1.51
C ALA D 115 2.53 37.14 2.91
N ALA D 116 1.66 37.21 3.94
CA ALA D 116 2.10 37.33 5.33
C ALA D 116 2.78 36.04 5.78
N ILE D 117 2.22 34.88 5.41
CA ILE D 117 2.79 33.59 5.77
C ILE D 117 4.22 33.47 5.24
N LYS D 118 4.45 33.93 4.00
CA LYS D 118 5.80 33.92 3.43
C LYS D 118 6.75 34.79 4.25
N MET D 119 6.30 35.99 4.62
CA MET D 119 7.13 36.93 5.40
C MET D 119 7.42 36.36 6.78
N LEU D 120 6.43 35.66 7.35
CA LEU D 120 6.56 35.13 8.70
C LEU D 120 7.47 33.89 8.71
N LYS D 121 7.43 33.11 7.63
CA LYS D 121 8.36 32.01 7.41
C LYS D 121 9.81 32.54 7.41
N ALA D 122 10.06 33.61 6.66
CA ALA D 122 11.37 34.22 6.58
C ALA D 122 11.87 34.69 7.96
N GLU D 123 10.95 35.25 8.77
CA GLU D 123 11.26 35.77 10.09
C GLU D 123 11.38 34.64 11.12
N GLY D 124 10.80 33.47 10.81
CA GLY D 124 10.83 32.33 11.71
C GLY D 124 9.73 32.36 12.78
N ILE D 125 8.62 33.07 12.52
CA ILE D 125 7.44 33.00 13.38
C ILE D 125 6.56 31.86 12.88
N PRO D 126 6.26 30.83 13.71
CA PRO D 126 5.41 29.72 13.27
C PRO D 126 3.98 30.16 12.99
N THR D 127 3.40 29.64 11.89
CA THR D 127 2.05 30.00 11.49
C THR D 127 1.18 28.77 11.30
N LEU D 128 -0.12 29.04 11.31
CA LEU D 128 -1.17 28.14 10.88
C LEU D 128 -1.99 28.89 9.83
N GLY D 129 -2.23 28.23 8.69
CA GLY D 129 -3.12 28.76 7.67
C GLY D 129 -4.56 28.38 7.97
N THR D 130 -5.39 29.39 8.32
CA THR D 130 -6.74 29.18 8.82
C THR D 130 -7.78 29.66 7.81
N ALA D 131 -9.04 29.36 8.11
CA ALA D 131 -10.16 29.69 7.24
C ALA D 131 -9.96 29.01 5.89
N VAL D 132 -9.59 27.73 5.94
CA VAL D 132 -9.40 26.92 4.74
C VAL D 132 -10.70 26.21 4.44
N TYR D 133 -11.22 26.46 3.23
CA TYR D 133 -12.46 25.89 2.74
C TYR D 133 -12.20 25.00 1.53
N GLY D 134 -10.94 24.88 1.11
CA GLY D 134 -10.59 24.03 -0.01
C GLY D 134 -9.19 23.46 0.13
N ALA D 135 -8.95 22.31 -0.50
CA ALA D 135 -7.72 21.56 -0.32
C ALA D 135 -6.54 22.31 -0.92
N ALA D 136 -6.69 22.87 -2.13
CA ALA D 136 -5.57 23.53 -2.80
C ALA D 136 -5.16 24.79 -2.03
N GLN D 137 -6.16 25.56 -1.57
CA GLN D 137 -5.92 26.73 -0.73
C GLN D 137 -5.08 26.37 0.49
N GLY D 138 -5.45 25.28 1.18
CA GLY D 138 -4.72 24.79 2.32
C GLY D 138 -3.27 24.43 1.97
N MET D 139 -3.11 23.65 0.88
CA MET D 139 -1.79 23.21 0.45
C MET D 139 -0.88 24.43 0.19
N LEU D 140 -1.44 25.46 -0.44
CA LEU D 140 -0.69 26.67 -0.77
C LEU D 140 -0.14 27.31 0.50
N SER D 141 -0.95 27.28 1.57
CA SER D 141 -0.54 27.88 2.84
C SER D 141 0.65 27.11 3.43
N ALA D 142 0.63 25.77 3.30
CA ALA D 142 1.73 24.92 3.72
C ALA D 142 2.99 25.20 2.91
N LEU D 143 2.82 25.29 1.58
CA LEU D 143 3.96 25.52 0.69
C LEU D 143 4.61 26.87 0.98
N ALA D 144 3.81 27.83 1.47
CA ALA D 144 4.28 29.17 1.78
C ALA D 144 5.00 29.23 3.14
N GLY D 145 4.80 28.20 3.97
CA GLY D 145 5.60 28.04 5.19
C GLY D 145 4.76 27.65 6.40
N ALA D 146 3.43 27.61 6.30
CA ALA D 146 2.60 27.33 7.46
C ALA D 146 2.88 25.92 7.97
N GLU D 147 3.03 25.77 9.28
CA GLU D 147 3.31 24.49 9.93
C GLU D 147 2.04 23.65 10.04
N TYR D 148 0.90 24.35 10.23
CA TYR D 148 -0.41 23.73 10.35
C TYR D 148 -1.32 24.33 9.29
N VAL D 149 -2.32 23.56 8.86
CA VAL D 149 -3.39 24.05 8.02
C VAL D 149 -4.72 23.62 8.62
N ALA D 150 -5.61 24.59 8.85
CA ALA D 150 -6.88 24.33 9.54
C ALA D 150 -8.05 24.47 8.56
N PRO D 151 -8.55 23.33 8.01
CA PRO D 151 -9.84 23.33 7.34
C PRO D 151 -11.00 23.54 8.30
N TYR D 152 -11.97 24.35 7.87
CA TYR D 152 -13.19 24.59 8.61
C TYR D 152 -14.21 23.52 8.18
N VAL D 153 -14.11 22.34 8.81
CA VAL D 153 -14.86 21.16 8.42
C VAL D 153 -16.36 21.45 8.44
N ASN D 154 -16.88 21.91 9.58
CA ASN D 154 -18.33 22.06 9.68
C ASN D 154 -18.82 23.19 8.78
N ARG D 155 -18.02 24.24 8.57
CA ARG D 155 -18.45 25.36 7.74
C ARG D 155 -18.62 24.90 6.30
N VAL D 156 -17.70 24.05 5.82
CA VAL D 156 -17.82 23.47 4.49
C VAL D 156 -19.07 22.58 4.42
N ASP D 157 -19.29 21.76 5.46
CA ASP D 157 -20.48 20.92 5.55
C ASP D 157 -21.75 21.77 5.54
N ALA D 158 -21.78 22.85 6.33
CA ALA D 158 -22.98 23.65 6.53
C ALA D 158 -23.37 24.41 5.25
N GLN D 159 -22.39 24.67 4.38
CA GLN D 159 -22.62 25.47 3.18
C GLN D 159 -22.77 24.62 1.92
N GLY D 160 -23.10 23.34 2.09
CA GLY D 160 -23.51 22.48 0.99
C GLY D 160 -22.35 21.73 0.34
N GLY D 161 -21.16 21.78 0.98
CA GLY D 161 -20.00 21.03 0.50
C GLY D 161 -19.86 19.69 1.22
N ASP D 162 -18.63 19.15 1.20
CA ASP D 162 -18.32 17.89 1.85
C ASP D 162 -17.03 18.08 2.65
N GLY D 163 -17.20 18.49 3.92
CA GLY D 163 -16.08 18.83 4.78
C GLY D 163 -15.04 17.71 4.86
N ILE D 164 -15.51 16.47 5.02
CA ILE D 164 -14.61 15.34 5.21
C ILE D 164 -13.81 15.09 3.94
N GLN D 165 -14.48 15.19 2.77
CA GLN D 165 -13.79 15.02 1.50
C GLN D 165 -12.70 16.09 1.34
N THR D 166 -12.99 17.33 1.76
CA THR D 166 -12.02 18.43 1.71
C THR D 166 -10.79 18.07 2.55
N VAL D 167 -11.03 17.50 3.75
CA VAL D 167 -9.96 17.09 4.66
C VAL D 167 -9.16 15.93 4.07
N ILE D 168 -9.84 14.92 3.49
CA ILE D 168 -9.15 13.82 2.86
C ILE D 168 -8.23 14.35 1.76
N GLU D 169 -8.75 15.27 0.93
CA GLU D 169 -7.97 15.83 -0.17
C GLU D 169 -6.80 16.66 0.35
N LEU D 170 -7.04 17.47 1.39
CA LEU D 170 -6.01 18.30 1.98
C LEU D 170 -4.89 17.42 2.55
N GLN D 171 -5.26 16.38 3.31
CA GLN D 171 -4.27 15.52 3.94
C GLN D 171 -3.44 14.83 2.87
N GLN D 172 -4.09 14.37 1.80
CA GLN D 172 -3.41 13.79 0.65
C GLN D 172 -2.39 14.78 0.05
N LEU D 173 -2.79 16.05 -0.10
CA LEU D 173 -1.92 17.07 -0.68
C LEU D 173 -0.69 17.30 0.19
N LEU D 174 -0.87 17.35 1.52
CA LEU D 174 0.25 17.60 2.44
C LEU D 174 1.19 16.39 2.46
N THR D 175 0.62 15.18 2.49
CA THR D 175 1.38 13.93 2.49
C THR D 175 2.25 13.86 1.24
N LEU D 176 1.67 14.26 0.10
CA LEU D 176 2.35 14.17 -1.18
C LEU D 176 3.35 15.31 -1.35
N HIS D 177 2.96 16.54 -0.97
CA HIS D 177 3.52 17.74 -1.55
C HIS D 177 4.12 18.68 -0.49
N ALA D 178 3.78 18.49 0.80
CA ALA D 178 4.28 19.34 1.89
C ALA D 178 4.26 18.59 3.22
N PRO D 179 5.05 17.48 3.34
CA PRO D 179 4.88 16.55 4.46
C PRO D 179 5.35 17.11 5.80
N GLN D 180 6.09 18.23 5.77
CA GLN D 180 6.47 18.96 6.98
C GLN D 180 5.26 19.57 7.69
N SER D 181 4.20 19.90 6.93
CA SER D 181 3.02 20.55 7.49
C SER D 181 1.99 19.52 7.97
N LYS D 182 1.18 19.92 8.96
CA LYS D 182 0.12 19.09 9.52
C LYS D 182 -1.24 19.71 9.18
N VAL D 183 -2.26 18.86 9.05
CA VAL D 183 -3.64 19.32 9.14
C VAL D 183 -4.02 19.45 10.62
N LEU D 184 -4.51 20.63 10.99
CA LEU D 184 -5.17 20.83 12.28
C LEU D 184 -6.67 20.99 12.03
N ALA D 185 -7.40 19.86 12.10
CA ALA D 185 -8.81 19.86 11.73
C ALA D 185 -9.62 20.63 12.76
N ALA D 186 -10.50 21.51 12.29
CA ALA D 186 -11.27 22.40 13.14
C ALA D 186 -12.70 22.54 12.63
N SER D 187 -13.58 23.10 13.50
CA SER D 187 -14.96 23.42 13.19
C SER D 187 -15.80 22.14 13.18
N PHE D 188 -16.37 21.81 14.34
CA PHE D 188 -17.07 20.55 14.55
C PHE D 188 -18.40 20.81 15.27
N LYS D 189 -19.44 20.10 14.82
CA LYS D 189 -20.73 20.07 15.48
C LYS D 189 -21.02 18.69 16.07
N THR D 190 -20.37 17.65 15.52
CA THR D 190 -20.64 16.29 15.97
C THR D 190 -19.32 15.52 16.04
N PRO D 191 -19.18 14.63 17.05
CA PRO D 191 -18.04 13.71 17.14
C PRO D 191 -17.70 12.97 15.85
N ARG D 192 -18.73 12.62 15.06
CA ARG D 192 -18.55 11.86 13.84
C ARG D 192 -17.61 12.60 12.88
N GLN D 193 -17.76 13.92 12.79
CA GLN D 193 -16.92 14.74 11.92
C GLN D 193 -15.47 14.64 12.39
N ALA D 194 -15.24 14.81 13.70
CA ALA D 194 -13.91 14.77 14.28
C ALA D 194 -13.27 13.39 14.08
N LEU D 195 -14.05 12.32 14.31
CA LEU D 195 -13.60 10.95 14.09
C LEU D 195 -13.16 10.78 12.64
N ASP D 196 -13.99 11.25 11.71
CA ASP D 196 -13.73 11.11 10.28
C ASP D 196 -12.44 11.82 9.90
N CYS D 197 -12.16 12.99 10.49
CA CYS D 197 -10.90 13.68 10.25
C CYS D 197 -9.72 12.87 10.79
N LEU D 198 -9.88 12.27 11.98
CA LEU D 198 -8.82 11.45 12.54
C LEU D 198 -8.57 10.22 11.66
N LEU D 199 -9.64 9.63 11.10
CA LEU D 199 -9.50 8.47 10.25
C LEU D 199 -8.77 8.85 8.96
N ALA D 200 -8.93 10.10 8.51
CA ALA D 200 -8.29 10.60 7.29
C ALA D 200 -6.80 10.86 7.50
N GLY D 201 -6.36 10.87 8.77
CA GLY D 201 -4.95 10.89 9.12
C GLY D 201 -4.45 12.27 9.57
N CYS D 202 -5.37 13.19 9.92
CA CYS D 202 -4.99 14.47 10.51
C CYS D 202 -4.13 14.23 11.75
N GLU D 203 -2.98 14.90 11.82
CA GLU D 203 -2.02 14.71 12.91
C GLU D 203 -2.29 15.70 14.05
N SER D 204 -3.23 16.63 13.85
CA SER D 204 -3.70 17.51 14.90
C SER D 204 -5.17 17.84 14.72
N ILE D 205 -5.84 18.19 15.83
CA ILE D 205 -7.28 18.45 15.82
C ILE D 205 -7.62 19.38 16.99
N THR D 206 -8.63 20.25 16.81
CA THR D 206 -9.10 21.07 17.91
C THR D 206 -10.61 20.90 18.02
N LEU D 207 -11.04 20.56 19.25
CA LEU D 207 -12.41 20.18 19.54
C LEU D 207 -13.06 21.29 20.37
N PRO D 208 -14.28 21.71 20.00
CA PRO D 208 -15.14 22.44 20.93
C PRO D 208 -15.50 21.59 22.14
N LEU D 209 -15.91 22.24 23.23
CA LEU D 209 -16.06 21.56 24.52
C LEU D 209 -17.13 20.48 24.43
N ASP D 210 -18.23 20.77 23.73
CA ASP D 210 -19.37 19.85 23.64
C ASP D 210 -18.96 18.56 22.95
N VAL D 211 -18.21 18.66 21.84
CA VAL D 211 -17.76 17.50 21.09
C VAL D 211 -16.71 16.72 21.88
N ALA D 212 -15.78 17.42 22.54
CA ALA D 212 -14.76 16.77 23.34
C ALA D 212 -15.40 15.89 24.41
N GLN D 213 -16.44 16.41 25.06
CA GLN D 213 -17.08 15.74 26.17
C GLN D 213 -17.96 14.58 25.70
N GLN D 214 -18.54 14.69 24.49
CA GLN D 214 -19.37 13.63 23.94
C GLN D 214 -18.53 12.38 23.65
N PHE D 215 -17.26 12.56 23.28
CA PHE D 215 -16.36 11.43 23.01
C PHE D 215 -16.27 10.51 24.22
N ILE D 216 -16.29 11.06 25.45
CA ILE D 216 -15.95 10.31 26.65
C ILE D 216 -17.14 10.23 27.61
N THR D 217 -18.36 10.47 27.10
CA THR D 217 -19.59 10.28 27.87
C THR D 217 -20.53 9.41 27.03
N SER D 218 -20.98 8.31 27.61
CA SER D 218 -21.67 7.27 26.86
C SER D 218 -22.67 6.57 27.77
N PRO D 219 -23.97 6.51 27.40
CA PRO D 219 -24.92 5.65 28.10
C PRO D 219 -24.50 4.20 28.14
N ALA D 220 -24.00 3.69 27.01
CA ALA D 220 -23.61 2.29 26.92
C ALA D 220 -22.49 1.98 27.90
N VAL D 221 -21.49 2.86 27.96
CA VAL D 221 -20.34 2.66 28.83
C VAL D 221 -20.81 2.69 30.28
N ASP D 222 -21.63 3.69 30.62
CA ASP D 222 -22.13 3.86 31.98
C ASP D 222 -22.93 2.62 32.39
N ALA D 223 -23.73 2.07 31.47
CA ALA D 223 -24.52 0.89 31.74
C ALA D 223 -23.64 -0.34 32.00
N ALA D 224 -22.54 -0.45 31.24
CA ALA D 224 -21.61 -1.56 31.43
C ALA D 224 -21.01 -1.52 32.83
N ILE D 225 -20.67 -0.32 33.29
CA ILE D 225 -20.08 -0.12 34.60
C ILE D 225 -21.10 -0.47 35.69
N VAL D 226 -22.36 0.00 35.54
CA VAL D 226 -23.43 -0.33 36.48
C VAL D 226 -23.53 -1.85 36.61
N LYS D 227 -23.47 -2.56 35.47
CA LYS D 227 -23.70 -4.00 35.45
C LYS D 227 -22.56 -4.74 36.15
N PHE D 228 -21.32 -4.28 35.92
CA PHE D 228 -20.14 -4.82 36.60
C PHE D 228 -20.29 -4.68 38.12
N GLU D 229 -20.72 -3.48 38.56
CA GLU D 229 -20.89 -3.18 39.97
C GLU D 229 -21.94 -4.10 40.59
N GLN D 230 -23.04 -4.35 39.88
CA GLN D 230 -24.11 -5.22 40.37
C GLN D 230 -23.62 -6.66 40.53
N ASP D 231 -22.86 -7.14 39.53
CA ASP D 231 -22.36 -8.51 39.53
C ASP D 231 -21.36 -8.69 40.66
N TRP D 232 -20.45 -7.71 40.82
CA TRP D 232 -19.45 -7.72 41.88
C TRP D 232 -20.14 -7.73 43.25
N GLN D 233 -21.21 -6.93 43.37
CA GLN D 233 -21.98 -6.82 44.61
C GLN D 233 -22.61 -8.18 44.94
N GLY D 234 -23.21 -8.80 43.93
CA GLY D 234 -23.84 -10.12 44.04
C GLY D 234 -22.89 -11.16 44.62
N ALA D 235 -21.62 -11.11 44.25
CA ALA D 235 -20.67 -12.15 44.60
C ALA D 235 -19.99 -11.84 45.93
N PHE D 236 -19.75 -10.55 46.21
CA PHE D 236 -18.80 -10.14 47.24
C PHE D 236 -19.44 -9.21 48.28
N GLY D 237 -20.67 -8.73 48.03
CA GLY D 237 -21.41 -7.93 49.00
C GLY D 237 -20.83 -6.52 49.15
N ARG D 238 -20.08 -6.06 48.13
CA ARG D 238 -19.68 -4.67 47.99
C ARG D 238 -19.43 -4.37 46.50
N THR D 239 -19.10 -3.11 46.18
CA THR D 239 -18.85 -2.71 44.79
C THR D 239 -17.42 -2.17 44.62
N SER D 240 -16.55 -2.39 45.62
CA SER D 240 -15.16 -1.95 45.60
C SER D 240 -14.21 -3.15 45.61
N ILE D 241 -12.95 -2.93 45.18
CA ILE D 241 -11.89 -3.93 45.32
C ILE D 241 -11.80 -4.32 46.81
N MET E 22 7.14 20.06 -4.06
CA MET E 22 6.23 20.59 -5.13
C MET E 22 6.91 21.78 -5.80
N GLU E 23 6.84 21.82 -7.14
CA GLU E 23 7.26 22.98 -7.90
C GLU E 23 6.03 23.65 -8.51
N LEU E 24 5.73 24.87 -8.04
CA LEU E 24 4.59 25.65 -8.50
C LEU E 24 5.06 26.71 -9.50
N TYR E 25 4.52 26.63 -10.73
CA TYR E 25 4.87 27.56 -11.81
C TYR E 25 3.65 28.36 -12.23
N LEU E 26 3.88 29.57 -12.74
CA LEU E 26 2.88 30.32 -13.49
C LEU E 26 3.15 30.09 -14.97
N ASP E 27 2.07 30.06 -15.75
CA ASP E 27 2.13 29.78 -17.18
C ASP E 27 1.73 31.06 -17.92
N THR E 28 2.71 31.91 -18.24
CA THR E 28 2.41 33.30 -18.57
C THR E 28 3.63 33.99 -19.20
N SER E 29 3.37 35.08 -19.93
CA SER E 29 4.39 36.02 -20.37
C SER E 29 4.13 37.42 -19.79
N ASP E 30 3.18 37.50 -18.84
CA ASP E 30 2.77 38.75 -18.21
C ASP E 30 3.70 39.07 -17.04
N VAL E 31 4.75 39.86 -17.32
CA VAL E 31 5.84 40.08 -16.40
C VAL E 31 5.32 40.77 -15.14
N ALA E 32 4.49 41.82 -15.31
CA ALA E 32 3.96 42.57 -14.18
C ALA E 32 3.13 41.67 -13.27
N ALA E 33 2.36 40.75 -13.86
CA ALA E 33 1.52 39.84 -13.08
C ALA E 33 2.40 38.88 -12.27
N VAL E 34 3.53 38.45 -12.87
CA VAL E 34 4.46 37.56 -12.20
C VAL E 34 5.05 38.28 -10.99
N LYS E 35 5.45 39.55 -11.18
CA LYS E 35 6.00 40.34 -10.10
C LYS E 35 5.00 40.46 -8.96
N LYS E 36 3.72 40.69 -9.31
CA LYS E 36 2.65 40.81 -8.34
C LYS E 36 2.46 39.52 -7.56
N LEU E 37 2.33 38.39 -8.28
CA LEU E 37 1.98 37.11 -7.68
C LEU E 37 3.15 36.46 -6.96
N ALA E 38 4.38 36.89 -7.28
CA ALA E 38 5.58 36.26 -6.73
C ALA E 38 5.72 36.53 -5.23
N ARG E 39 5.08 37.59 -4.73
CA ARG E 39 5.09 37.88 -3.30
C ARG E 39 3.93 37.19 -2.57
N ILE E 40 3.03 36.55 -3.33
CA ILE E 40 1.85 35.89 -2.77
C ILE E 40 2.06 34.38 -2.77
N PHE E 41 2.39 33.82 -3.94
CA PHE E 41 2.64 32.39 -4.09
C PHE E 41 4.09 32.07 -3.77
N PRO E 42 4.40 30.84 -3.32
CA PRO E 42 5.75 30.29 -3.39
C PRO E 42 6.08 29.68 -4.75
N LEU E 43 6.51 30.54 -5.69
CA LEU E 43 6.72 30.16 -7.07
C LEU E 43 8.07 29.47 -7.24
N ALA E 44 8.09 28.40 -8.04
CA ALA E 44 9.32 27.76 -8.50
C ALA E 44 9.86 28.47 -9.73
N GLY E 45 9.01 29.23 -10.42
CA GLY E 45 9.36 29.91 -11.66
C GLY E 45 8.17 30.06 -12.60
N VAL E 46 8.47 30.19 -13.91
CA VAL E 46 7.47 30.45 -14.94
C VAL E 46 7.74 29.52 -16.13
N THR E 47 6.65 29.00 -16.73
CA THR E 47 6.68 28.27 -17.99
C THR E 47 6.14 29.17 -19.11
N THR E 48 6.71 29.04 -20.30
CA THR E 48 6.17 29.64 -21.51
C THR E 48 5.99 28.55 -22.58
N ASN E 49 5.13 28.87 -23.55
CA ASN E 49 5.06 28.13 -24.81
C ASN E 49 4.93 29.16 -25.94
N PRO E 50 5.02 28.74 -27.21
CA PRO E 50 5.06 29.69 -28.32
C PRO E 50 3.84 30.62 -28.35
N SER E 51 2.66 30.09 -28.00
CA SER E 51 1.43 30.88 -27.96
C SER E 51 1.49 31.93 -26.84
N ILE E 52 2.00 31.52 -25.68
CA ILE E 52 2.13 32.40 -24.51
C ILE E 52 3.13 33.52 -24.82
N VAL E 53 4.25 33.16 -25.46
CA VAL E 53 5.26 34.13 -25.85
C VAL E 53 4.64 35.10 -26.87
N ALA E 54 3.92 34.55 -27.85
CA ALA E 54 3.28 35.33 -28.90
C ALA E 54 2.33 36.36 -28.28
N ALA E 55 1.51 35.92 -27.32
CA ALA E 55 0.52 36.77 -26.68
C ALA E 55 1.19 37.99 -26.04
N GLY E 56 2.40 37.81 -25.51
CA GLY E 56 3.11 38.89 -24.83
C GLY E 56 3.83 39.83 -25.80
N LYS E 57 4.06 39.36 -27.03
CA LYS E 57 4.65 40.16 -28.10
C LYS E 57 6.09 40.57 -27.77
N THR E 58 6.75 39.79 -26.89
CA THR E 58 8.11 40.08 -26.44
C THR E 58 8.98 38.87 -26.78
N PRO E 59 10.08 39.07 -27.55
CA PRO E 59 10.96 37.95 -27.86
C PRO E 59 11.59 37.36 -26.59
N LEU E 60 11.93 36.07 -26.66
CA LEU E 60 12.43 35.35 -25.50
C LEU E 60 13.66 36.02 -24.91
N ASP E 61 14.51 36.63 -25.76
CA ASP E 61 15.77 37.19 -25.29
C ASP E 61 15.54 38.40 -24.38
N GLU E 62 14.35 39.02 -24.45
CA GLU E 62 13.94 40.08 -23.54
C GLU E 62 13.02 39.52 -22.43
N LEU E 63 12.08 38.64 -22.81
CA LEU E 63 11.07 38.12 -21.90
C LEU E 63 11.71 37.35 -20.74
N LEU E 64 12.63 36.43 -21.06
CA LEU E 64 13.14 35.49 -20.07
C LEU E 64 13.90 36.23 -18.97
N PRO E 65 14.80 37.19 -19.28
CA PRO E 65 15.42 38.00 -18.23
C PRO E 65 14.44 38.88 -17.46
N ALA E 66 13.37 39.35 -18.13
CA ALA E 66 12.34 40.14 -17.46
C ALA E 66 11.58 39.28 -16.45
N LEU E 67 11.30 38.02 -16.80
CA LEU E 67 10.62 37.10 -15.90
C LEU E 67 11.51 36.78 -14.70
N HIS E 68 12.79 36.56 -14.99
CA HIS E 68 13.77 36.25 -13.96
C HIS E 68 13.79 37.38 -12.92
N ASP E 69 13.74 38.64 -13.38
CA ASP E 69 13.74 39.79 -12.47
C ASP E 69 12.42 39.84 -11.68
N ALA E 70 11.30 39.66 -12.39
CA ALA E 70 9.98 39.65 -11.77
C ALA E 70 9.88 38.61 -10.65
N LEU E 71 10.62 37.49 -10.79
CA LEU E 71 10.59 36.42 -9.79
C LEU E 71 11.41 36.80 -8.56
N GLY E 72 12.19 37.88 -8.66
CA GLY E 72 13.09 38.31 -7.60
C GLY E 72 14.54 37.86 -7.88
N GLY E 73 14.84 37.65 -9.17
CA GLY E 73 16.15 37.21 -9.60
C GLY E 73 16.44 35.78 -9.15
N LYS E 74 15.45 34.89 -9.32
CA LYS E 74 15.63 33.48 -9.06
C LYS E 74 14.59 32.69 -9.85
N GLY E 75 14.48 31.39 -9.55
CA GLY E 75 13.48 30.52 -10.17
C GLY E 75 13.96 29.90 -11.48
N ARG E 76 13.19 28.90 -11.93
CA ARG E 76 13.46 28.11 -13.13
C ARG E 76 12.47 28.52 -14.22
N LEU E 77 13.00 28.79 -15.42
CA LEU E 77 12.16 29.13 -16.58
C LEU E 77 12.14 27.96 -17.56
N PHE E 78 11.05 27.89 -18.33
CA PHE E 78 10.88 26.93 -19.42
C PHE E 78 10.50 27.67 -20.69
N ALA E 79 11.18 27.30 -21.78
CA ALA E 79 10.89 27.82 -23.11
C ALA E 79 11.02 26.70 -24.14
N GLN E 80 10.25 26.82 -25.23
CA GLN E 80 10.00 25.73 -26.17
C GLN E 80 10.72 25.98 -27.48
N VAL E 81 11.31 24.91 -28.04
CA VAL E 81 11.93 24.93 -29.36
C VAL E 81 10.84 25.10 -30.43
N MET E 82 11.22 25.66 -31.60
CA MET E 82 10.30 25.87 -32.71
C MET E 82 10.65 25.01 -33.93
N ALA E 83 11.89 24.51 -34.05
CA ALA E 83 12.33 23.76 -35.23
C ALA E 83 11.56 22.44 -35.37
N THR E 84 11.60 21.86 -36.58
CA THR E 84 10.81 20.67 -36.92
C THR E 84 11.71 19.46 -37.13
N THR E 85 13.04 19.66 -37.16
CA THR E 85 14.00 18.55 -37.19
C THR E 85 14.70 18.45 -35.84
N ALA E 86 15.23 17.25 -35.55
CA ALA E 86 15.94 16.98 -34.31
C ALA E 86 17.18 17.86 -34.20
N GLU E 87 17.91 18.01 -35.31
CA GLU E 87 19.11 18.83 -35.37
C GLU E 87 18.75 20.30 -35.08
N GLY E 88 17.68 20.80 -35.71
CA GLY E 88 17.23 22.17 -35.53
C GLY E 88 16.78 22.43 -34.09
N MET E 89 16.17 21.41 -33.47
CA MET E 89 15.69 21.52 -32.10
C MET E 89 16.86 21.62 -31.13
N VAL E 90 17.95 20.90 -31.41
CA VAL E 90 19.16 20.99 -30.59
C VAL E 90 19.74 22.39 -30.69
N GLU E 91 19.70 22.98 -31.89
CA GLU E 91 20.23 24.33 -32.12
C GLU E 91 19.42 25.35 -31.32
N ASP E 92 18.08 25.24 -31.39
CA ASP E 92 17.16 26.05 -30.59
C ASP E 92 17.48 25.93 -29.10
N ALA E 93 17.62 24.68 -28.61
CA ALA E 93 17.93 24.39 -27.22
C ALA E 93 19.16 25.17 -26.76
N ARG E 94 20.22 25.15 -27.56
CA ARG E 94 21.47 25.84 -27.26
C ARG E 94 21.26 27.35 -27.16
N LYS E 95 20.51 27.91 -28.11
CA LYS E 95 20.16 29.33 -28.13
C LYS E 95 19.38 29.72 -26.86
N LEU E 96 18.45 28.86 -26.45
CA LEU E 96 17.62 29.14 -25.29
C LEU E 96 18.48 29.14 -24.03
N ARG E 97 19.33 28.12 -23.89
CA ARG E 97 20.19 27.95 -22.72
C ARG E 97 21.17 29.12 -22.61
N ALA E 98 21.51 29.75 -23.76
CA ALA E 98 22.43 30.89 -23.77
C ALA E 98 21.74 32.14 -23.24
N ILE E 99 20.41 32.23 -23.33
CA ILE E 99 19.69 33.41 -22.86
C ILE E 99 19.78 33.47 -21.33
N ILE E 100 19.61 32.33 -20.65
CA ILE E 100 19.54 32.36 -19.21
C ILE E 100 19.90 31.00 -18.61
N ASN E 101 20.45 31.04 -17.39
CA ASN E 101 21.12 29.91 -16.75
C ASN E 101 20.10 28.81 -16.41
N ASP E 102 19.20 29.11 -15.47
CA ASP E 102 18.30 28.11 -14.91
C ASP E 102 17.12 27.95 -15.87
N LEU E 103 17.37 27.23 -16.98
CA LEU E 103 16.39 27.13 -18.06
C LEU E 103 16.27 25.69 -18.52
N VAL E 104 15.03 25.22 -18.63
CA VAL E 104 14.72 23.89 -19.12
C VAL E 104 14.05 24.04 -20.48
N VAL E 105 14.53 23.25 -21.45
CA VAL E 105 14.06 23.34 -22.82
C VAL E 105 12.86 22.39 -23.01
N LYS E 106 11.75 22.96 -23.50
CA LYS E 106 10.57 22.17 -23.84
C LYS E 106 10.71 21.67 -25.28
N VAL E 107 10.48 20.36 -25.46
CA VAL E 107 10.56 19.69 -26.74
C VAL E 107 9.24 18.95 -26.97
N PRO E 108 8.48 19.25 -28.05
CA PRO E 108 7.28 18.48 -28.35
C PRO E 108 7.60 17.00 -28.57
N VAL E 109 6.78 16.10 -27.99
CA VAL E 109 7.09 14.69 -28.02
C VAL E 109 6.52 14.11 -29.32
N THR E 110 7.28 14.32 -30.40
CA THR E 110 7.05 13.79 -31.73
C THR E 110 8.19 12.83 -32.08
N VAL E 111 8.24 12.40 -33.35
CA VAL E 111 9.33 11.57 -33.84
C VAL E 111 10.64 12.33 -33.70
N GLU E 112 10.70 13.54 -34.29
CA GLU E 112 11.90 14.34 -34.29
C GLU E 112 12.18 14.88 -32.88
N GLY E 113 11.11 15.15 -32.11
CA GLY E 113 11.25 15.64 -30.76
C GLY E 113 11.87 14.60 -29.83
N LEU E 114 11.49 13.32 -29.98
CA LEU E 114 12.08 12.24 -29.20
C LEU E 114 13.57 12.13 -29.53
N ALA E 115 13.89 12.19 -30.83
CA ALA E 115 15.26 12.11 -31.30
C ALA E 115 16.09 13.24 -30.68
N ALA E 116 15.50 14.44 -30.61
CA ALA E 116 16.16 15.61 -30.03
C ALA E 116 16.36 15.42 -28.52
N ILE E 117 15.35 14.87 -27.83
CA ILE E 117 15.45 14.65 -26.39
C ILE E 117 16.65 13.75 -26.07
N LYS E 118 16.87 12.70 -26.89
CA LYS E 118 17.99 11.82 -26.68
C LYS E 118 19.31 12.58 -26.85
N MET E 119 19.41 13.38 -27.91
CA MET E 119 20.61 14.13 -28.21
C MET E 119 20.91 15.12 -27.08
N LEU E 120 19.84 15.73 -26.54
CA LEU E 120 20.00 16.75 -25.51
C LEU E 120 20.37 16.10 -24.18
N LYS E 121 19.96 14.85 -23.96
CA LYS E 121 20.41 14.07 -22.82
C LYS E 121 21.92 13.87 -22.90
N ALA E 122 22.42 13.46 -24.07
CA ALA E 122 23.84 13.18 -24.27
C ALA E 122 24.66 14.46 -24.07
N GLU E 123 24.06 15.61 -24.39
CA GLU E 123 24.75 16.90 -24.35
C GLU E 123 24.68 17.48 -22.94
N GLY E 124 23.71 17.04 -22.12
CA GLY E 124 23.55 17.52 -20.76
C GLY E 124 22.67 18.78 -20.68
N ILE E 125 21.83 19.02 -21.69
CA ILE E 125 20.82 20.08 -21.62
C ILE E 125 19.53 19.48 -21.07
N PRO E 126 19.00 20.01 -19.94
CA PRO E 126 17.75 19.51 -19.36
C PRO E 126 16.52 19.82 -20.21
N THR E 127 15.62 18.83 -20.33
CA THR E 127 14.45 18.93 -21.18
C THR E 127 13.16 18.61 -20.42
N LEU E 128 12.07 19.16 -20.98
CA LEU E 128 10.70 18.80 -20.65
C LEU E 128 10.07 18.30 -21.94
N GLY E 129 9.43 17.12 -21.87
CA GLY E 129 8.64 16.63 -22.98
C GLY E 129 7.25 17.23 -22.96
N THR E 130 6.92 18.04 -23.97
CA THR E 130 5.67 18.80 -23.97
C THR E 130 4.75 18.35 -25.10
N ALA E 131 3.54 18.95 -25.13
CA ALA E 131 2.47 18.58 -26.05
C ALA E 131 2.12 17.11 -25.92
N VAL E 132 2.03 16.65 -24.66
CA VAL E 132 1.73 15.25 -24.36
C VAL E 132 0.22 15.11 -24.23
N TYR E 133 -0.35 14.27 -25.09
CA TYR E 133 -1.79 14.03 -25.13
C TYR E 133 -2.10 12.60 -24.70
N GLY E 134 -1.06 11.80 -24.44
CA GLY E 134 -1.20 10.40 -24.09
C GLY E 134 -0.10 9.95 -23.13
N ALA E 135 -0.43 8.97 -22.29
CA ALA E 135 0.46 8.57 -21.20
C ALA E 135 1.72 7.88 -21.73
N ALA E 136 1.57 6.99 -22.72
CA ALA E 136 2.71 6.27 -23.27
C ALA E 136 3.65 7.25 -23.98
N GLN E 137 3.08 8.17 -24.77
CA GLN E 137 3.87 9.23 -25.40
C GLN E 137 4.71 9.93 -24.35
N GLY E 138 4.07 10.31 -23.22
CA GLY E 138 4.74 11.01 -22.15
C GLY E 138 5.88 10.19 -21.55
N MET E 139 5.60 8.93 -21.22
CA MET E 139 6.60 8.02 -20.65
C MET E 139 7.80 7.91 -21.57
N LEU E 140 7.56 7.81 -22.88
CA LEU E 140 8.64 7.69 -23.86
C LEU E 140 9.61 8.86 -23.75
N SER E 141 9.09 10.10 -23.58
CA SER E 141 9.94 11.28 -23.46
C SER E 141 10.80 11.22 -22.21
N ALA E 142 10.23 10.69 -21.10
CA ALA E 142 10.99 10.48 -19.88
C ALA E 142 12.12 9.47 -20.12
N LEU E 143 11.79 8.35 -20.78
CA LEU E 143 12.78 7.30 -21.03
C LEU E 143 13.91 7.83 -21.90
N ALA E 144 13.56 8.74 -22.83
CA ALA E 144 14.54 9.34 -23.75
C ALA E 144 15.45 10.35 -23.05
N GLY E 145 15.03 10.86 -21.87
CA GLY E 145 15.88 11.70 -21.03
C GLY E 145 15.20 12.92 -20.41
N ALA E 146 13.92 13.17 -20.72
CA ALA E 146 13.25 14.37 -20.23
C ALA E 146 13.06 14.28 -18.71
N GLU E 147 13.44 15.36 -18.02
CA GLU E 147 13.34 15.50 -16.57
C GLU E 147 11.89 15.77 -16.18
N TYR E 148 11.15 16.43 -17.09
CA TYR E 148 9.73 16.74 -16.89
C TYR E 148 8.93 16.25 -18.08
N VAL E 149 7.66 15.96 -17.82
CA VAL E 149 6.70 15.62 -18.87
C VAL E 149 5.43 16.43 -18.61
N ALA E 150 4.98 17.17 -19.64
CA ALA E 150 3.86 18.11 -19.51
C ALA E 150 2.67 17.62 -20.34
N PRO E 151 1.71 16.89 -19.71
CA PRO E 151 0.42 16.61 -20.35
C PRO E 151 -0.44 17.86 -20.45
N TYR E 152 -1.12 18.00 -21.60
CA TYR E 152 -2.02 19.11 -21.87
C TYR E 152 -3.42 18.69 -21.41
N VAL E 153 -3.67 18.92 -20.11
CA VAL E 153 -4.83 18.34 -19.44
C VAL E 153 -6.11 18.85 -20.08
N ASN E 154 -6.28 20.19 -20.13
CA ASN E 154 -7.53 20.76 -20.65
C ASN E 154 -7.71 20.40 -22.13
N ARG E 155 -6.61 20.31 -22.89
CA ARG E 155 -6.71 20.02 -24.32
C ARG E 155 -7.26 18.62 -24.52
N VAL E 156 -6.83 17.65 -23.70
CA VAL E 156 -7.37 16.31 -23.72
C VAL E 156 -8.86 16.34 -23.34
N ASP E 157 -9.19 17.10 -22.28
CA ASP E 157 -10.58 17.28 -21.85
C ASP E 157 -11.43 17.89 -22.96
N ALA E 158 -10.89 18.90 -23.65
CA ALA E 158 -11.66 19.68 -24.62
C ALA E 158 -11.98 18.86 -25.88
N GLN E 159 -11.12 17.88 -26.21
CA GLN E 159 -11.25 17.11 -27.43
C GLN E 159 -11.90 15.75 -27.17
N GLY E 160 -12.63 15.61 -26.06
CA GLY E 160 -13.52 14.48 -25.85
C GLY E 160 -12.84 13.31 -25.13
N GLY E 161 -11.63 13.55 -24.59
CA GLY E 161 -10.92 12.58 -23.80
C GLY E 161 -11.12 12.80 -22.30
N ASP E 162 -10.24 12.20 -21.51
CA ASP E 162 -10.26 12.33 -20.07
C ASP E 162 -8.87 12.77 -19.61
N GLY E 163 -8.68 14.09 -19.49
CA GLY E 163 -7.40 14.67 -19.15
C GLY E 163 -6.83 14.10 -17.84
N ILE E 164 -7.66 14.05 -16.79
CA ILE E 164 -7.21 13.62 -15.47
C ILE E 164 -6.79 12.14 -15.53
N GLN E 165 -7.58 11.28 -16.21
CA GLN E 165 -7.21 9.89 -16.35
C GLN E 165 -5.86 9.76 -17.06
N THR E 166 -5.61 10.60 -18.08
CA THR E 166 -4.34 10.60 -18.79
C THR E 166 -3.20 10.94 -17.82
N VAL E 167 -3.46 11.89 -16.90
CA VAL E 167 -2.46 12.31 -15.94
C VAL E 167 -2.20 11.19 -14.94
N ILE E 168 -3.28 10.57 -14.44
CA ILE E 168 -3.14 9.45 -13.52
C ILE E 168 -2.28 8.37 -14.17
N GLU E 169 -2.56 8.03 -15.45
CA GLU E 169 -1.84 6.96 -16.13
C GLU E 169 -0.37 7.34 -16.33
N LEU E 170 -0.14 8.60 -16.71
CA LEU E 170 1.21 9.09 -16.96
C LEU E 170 2.01 9.03 -15.65
N GLN E 171 1.41 9.50 -14.56
CA GLN E 171 2.08 9.54 -13.26
C GLN E 171 2.44 8.12 -12.82
N GLN E 172 1.52 7.17 -13.08
CA GLN E 172 1.75 5.77 -12.76
C GLN E 172 2.90 5.20 -13.57
N LEU E 173 2.99 5.56 -14.86
CA LEU E 173 4.06 5.12 -15.73
C LEU E 173 5.42 5.67 -15.27
N LEU E 174 5.46 6.94 -14.85
CA LEU E 174 6.71 7.54 -14.38
C LEU E 174 7.12 6.88 -13.06
N THR E 175 6.16 6.72 -12.14
CA THR E 175 6.41 6.12 -10.84
C THR E 175 7.01 4.73 -11.03
N LEU E 176 6.41 3.95 -11.94
CA LEU E 176 6.81 2.58 -12.18
C LEU E 176 8.12 2.47 -12.96
N HIS E 177 8.29 3.32 -13.99
CA HIS E 177 9.22 3.04 -15.08
C HIS E 177 10.28 4.14 -15.28
N ALA E 178 10.06 5.34 -14.74
CA ALA E 178 10.98 6.47 -14.92
C ALA E 178 10.91 7.43 -13.73
N PRO E 179 11.20 6.97 -12.50
CA PRO E 179 10.84 7.70 -11.28
C PRO E 179 11.66 8.96 -11.03
N GLN E 180 12.73 9.16 -11.79
CA GLN E 180 13.51 10.40 -11.75
C GLN E 180 12.86 11.53 -12.56
N SER E 181 11.87 11.20 -13.40
CA SER E 181 11.15 12.23 -14.15
C SER E 181 9.88 12.62 -13.41
N LYS E 182 9.48 13.89 -13.57
CA LYS E 182 8.31 14.47 -12.92
C LYS E 182 7.24 14.75 -13.98
N VAL E 183 5.97 14.64 -13.58
CA VAL E 183 4.90 15.28 -14.33
C VAL E 183 4.88 16.77 -13.97
N LEU E 184 4.90 17.61 -15.01
CA LEU E 184 4.55 19.02 -14.88
C LEU E 184 3.20 19.24 -15.55
N ALA E 185 2.12 19.18 -14.76
CA ALA E 185 0.77 19.27 -15.30
C ALA E 185 0.51 20.69 -15.80
N ALA E 186 -0.13 20.80 -16.97
CA ALA E 186 -0.38 22.06 -17.64
C ALA E 186 -1.76 22.03 -18.32
N SER E 187 -2.20 23.21 -18.74
CA SER E 187 -3.40 23.42 -19.56
C SER E 187 -4.65 23.26 -18.70
N PHE E 188 -5.09 24.38 -18.10
CA PHE E 188 -6.18 24.36 -17.14
C PHE E 188 -7.20 25.44 -17.48
N LYS E 189 -8.47 25.09 -17.35
CA LYS E 189 -9.56 26.06 -17.39
C LYS E 189 -10.23 26.22 -16.03
N THR E 190 -10.05 25.25 -15.11
CA THR E 190 -10.73 25.31 -13.83
C THR E 190 -9.83 24.75 -12.73
N PRO E 191 -9.91 25.33 -11.51
CA PRO E 191 -9.15 24.85 -10.35
C PRO E 191 -9.29 23.35 -10.09
N ARG E 192 -10.46 22.77 -10.42
CA ARG E 192 -10.73 21.38 -10.13
C ARG E 192 -9.78 20.48 -10.91
N GLN E 193 -9.46 20.86 -12.15
CA GLN E 193 -8.51 20.13 -12.98
C GLN E 193 -7.12 20.13 -12.32
N ALA E 194 -6.66 21.31 -11.90
CA ALA E 194 -5.34 21.43 -11.28
C ALA E 194 -5.28 20.66 -9.95
N LEU E 195 -6.36 20.74 -9.16
CA LEU E 195 -6.46 19.97 -7.92
C LEU E 195 -6.34 18.47 -8.20
N ASP E 196 -7.11 17.96 -9.16
CA ASP E 196 -7.13 16.53 -9.46
C ASP E 196 -5.75 16.05 -9.92
N CYS E 197 -4.99 16.93 -10.59
CA CYS E 197 -3.62 16.61 -10.99
C CYS E 197 -2.71 16.50 -9.77
N LEU E 198 -2.89 17.43 -8.83
CA LEU E 198 -2.11 17.47 -7.61
C LEU E 198 -2.44 16.25 -6.75
N LEU E 199 -3.71 15.82 -6.78
CA LEU E 199 -4.15 14.66 -6.01
C LEU E 199 -3.59 13.38 -6.63
N ALA E 200 -3.40 13.37 -7.96
CA ALA E 200 -2.85 12.22 -8.66
C ALA E 200 -1.35 12.08 -8.42
N GLY E 201 -0.73 13.10 -7.80
CA GLY E 201 0.64 13.00 -7.34
C GLY E 201 1.64 13.75 -8.21
N CYS E 202 1.16 14.59 -9.14
CA CYS E 202 2.06 15.41 -9.95
C CYS E 202 3.00 16.21 -9.04
N GLU E 203 4.31 16.13 -9.27
CA GLU E 203 5.28 16.79 -8.42
C GLU E 203 5.57 18.21 -8.89
N SER E 204 5.04 18.60 -10.06
CA SER E 204 5.10 19.97 -10.53
C SER E 204 3.84 20.33 -11.31
N ILE E 205 3.53 21.62 -11.38
CA ILE E 205 2.34 22.11 -12.06
C ILE E 205 2.56 23.55 -12.52
N THR E 206 1.94 23.94 -13.64
CA THR E 206 2.00 25.32 -14.09
C THR E 206 0.58 25.82 -14.33
N LEU E 207 0.27 26.96 -13.72
CA LEU E 207 -1.09 27.49 -13.64
C LEU E 207 -1.18 28.75 -14.50
N PRO E 208 -2.23 28.89 -15.32
CA PRO E 208 -2.58 30.20 -15.85
C PRO E 208 -3.01 31.13 -14.73
N LEU E 209 -2.89 32.44 -14.98
CA LEU E 209 -3.10 33.46 -13.96
C LEU E 209 -4.50 33.35 -13.38
N ASP E 210 -5.50 33.04 -14.22
CA ASP E 210 -6.89 33.09 -13.81
C ASP E 210 -7.20 31.97 -12.83
N VAL E 211 -6.70 30.75 -13.11
CA VAL E 211 -6.87 29.60 -12.22
C VAL E 211 -6.08 29.82 -10.92
N ALA E 212 -4.81 30.26 -11.03
CA ALA E 212 -3.98 30.53 -9.87
C ALA E 212 -4.75 31.39 -8.86
N GLN E 213 -5.35 32.47 -9.37
CA GLN E 213 -5.97 33.46 -8.50
C GLN E 213 -7.29 32.94 -7.94
N GLN E 214 -7.98 32.07 -8.69
CA GLN E 214 -9.22 31.48 -8.22
C GLN E 214 -8.98 30.61 -6.99
N PHE E 215 -7.79 29.99 -6.91
CA PHE E 215 -7.45 29.15 -5.76
C PHE E 215 -7.51 29.95 -4.47
N ILE E 216 -7.15 31.24 -4.54
CA ILE E 216 -6.91 32.05 -3.35
C ILE E 216 -7.93 33.19 -3.22
N THR E 217 -9.06 33.10 -3.94
CA THR E 217 -10.16 34.05 -3.82
C THR E 217 -11.45 33.25 -3.61
N SER E 218 -12.17 33.53 -2.53
CA SER E 218 -13.31 32.71 -2.12
C SER E 218 -14.35 33.58 -1.41
N PRO E 219 -15.62 33.60 -1.87
CA PRO E 219 -16.68 34.25 -1.11
C PRO E 219 -16.83 33.70 0.30
N ALA E 220 -16.60 32.39 0.47
CA ALA E 220 -16.83 31.75 1.77
C ALA E 220 -15.79 32.23 2.76
N VAL E 221 -14.52 32.25 2.34
CA VAL E 221 -13.42 32.70 3.18
C VAL E 221 -13.62 34.17 3.56
N ASP E 222 -13.91 35.02 2.57
CA ASP E 222 -14.14 36.44 2.82
C ASP E 222 -15.27 36.65 3.84
N ALA E 223 -16.35 35.88 3.71
CA ALA E 223 -17.48 36.00 4.63
C ALA E 223 -17.10 35.56 6.05
N ALA E 224 -16.27 34.51 6.15
CA ALA E 224 -15.74 34.08 7.44
C ALA E 224 -15.00 35.23 8.13
N ILE E 225 -14.16 35.93 7.37
CA ILE E 225 -13.34 37.01 7.90
C ILE E 225 -14.22 38.17 8.36
N VAL E 226 -15.23 38.53 7.55
CA VAL E 226 -16.18 39.59 7.88
C VAL E 226 -16.88 39.24 9.20
N LYS E 227 -17.30 37.99 9.36
CA LYS E 227 -18.03 37.57 10.55
C LYS E 227 -17.10 37.61 11.78
N PHE E 228 -15.83 37.24 11.62
CA PHE E 228 -14.84 37.35 12.68
C PHE E 228 -14.70 38.81 13.12
N GLU E 229 -14.59 39.72 12.15
CA GLU E 229 -14.46 41.14 12.44
C GLU E 229 -15.68 41.66 13.22
N GLN E 230 -16.89 41.29 12.80
CA GLN E 230 -18.13 41.75 13.44
C GLN E 230 -18.22 41.22 14.88
N ASP E 231 -17.88 39.95 15.10
CA ASP E 231 -17.91 39.37 16.43
C ASP E 231 -16.90 40.10 17.32
N TRP E 232 -15.71 40.38 16.77
CA TRP E 232 -14.65 41.02 17.51
C TRP E 232 -15.06 42.44 17.92
N GLN E 233 -15.56 43.22 16.95
CA GLN E 233 -16.10 44.56 17.17
C GLN E 233 -17.19 44.54 18.25
N GLY E 234 -18.12 43.58 18.14
CA GLY E 234 -19.21 43.43 19.09
C GLY E 234 -18.73 43.32 20.53
N ALA E 235 -17.59 42.64 20.74
CA ALA E 235 -17.11 42.33 22.08
C ALA E 235 -16.15 43.41 22.58
N PHE E 236 -15.34 44.01 21.69
CA PHE E 236 -14.20 44.81 22.11
C PHE E 236 -14.27 46.24 21.58
N GLY E 237 -15.27 46.57 20.75
CA GLY E 237 -15.50 47.93 20.28
C GLY E 237 -14.40 48.45 19.36
N ARG E 238 -13.64 47.54 18.73
CA ARG E 238 -12.64 47.87 17.72
C ARG E 238 -12.46 46.69 16.78
N THR E 239 -11.70 46.89 15.69
CA THR E 239 -11.56 45.88 14.65
C THR E 239 -10.14 45.31 14.65
N SER E 240 -9.34 45.69 15.66
CA SER E 240 -7.91 45.41 15.69
C SER E 240 -7.55 44.61 16.95
N ILE E 241 -6.37 43.98 16.90
CA ILE E 241 -5.75 43.34 18.06
C ILE E 241 -5.57 44.35 19.20
C1 F6R F . 9.07 -12.50 -26.88
C2 F6R F . 9.48 -12.69 -28.31
C3 F6R F . 8.61 -11.98 -29.33
C4 F6R F . 7.23 -12.67 -29.30
C5 F6R F . 6.19 -12.23 -30.34
C6 F6R F . 4.91 -13.03 -30.21
O1 F6R F . 9.96 -11.65 -26.18
O3 F6R F . 9.23 -11.99 -30.60
O4 F6R F . 7.38 -14.08 -29.45
O5 F6R F . 5.88 -10.85 -30.19
O6 F6R F . 3.77 -12.25 -30.67
P F6R F . 3.11 -12.59 -32.09
O1P F6R F . 4.07 -12.04 -33.14
O2P F6R F . 1.74 -11.92 -32.12
O3P F6R F . 3.02 -14.11 -32.10
C1 F6R G . -0.50 -30.93 3.04
C2 F6R G . -0.23 -32.37 2.72
C3 F6R G . -0.91 -32.89 1.47
C4 F6R G . -2.43 -32.65 1.60
C5 F6R G . -3.37 -33.25 0.52
C6 F6R G . -4.79 -33.40 1.02
O1 F6R G . -1.68 -30.81 3.81
O3 F6R G . -0.58 -34.25 1.26
O4 F6R G . -2.89 -33.12 2.87
O5 F6R G . -3.45 -32.38 -0.62
O6 F6R G . -5.69 -33.86 -0.02
P F6R G . -7.28 -33.80 0.26
O1P F6R G . -7.67 -35.16 0.85
O2P F6R G . -7.91 -33.53 -1.10
O3P F6R G . -7.49 -32.67 1.25
C1 F6R H . -10.64 -6.61 28.21
C2 F6R H . -11.22 -7.27 29.41
C3 F6R H . -12.16 -8.43 29.11
C4 F6R H . -13.49 -7.88 28.56
C5 F6R H . -14.58 -8.93 28.24
C6 F6R H . -15.93 -8.29 27.97
O1 F6R H . -9.36 -7.14 27.89
O3 F6R H . -12.27 -9.24 30.26
O4 F6R H . -14.04 -6.91 29.46
O5 F6R H . -14.22 -9.66 27.07
O6 F6R H . -16.84 -9.24 27.31
P F6R H . -18.41 -9.25 27.72
O1P F6R H . -18.49 -10.20 28.91
O2P F6R H . -19.17 -9.76 26.50
O3P F6R H . -18.75 -7.81 28.07
C1 F6R I . -7.98 26.88 13.70
C2 F6R I . -8.52 27.77 14.77
C3 F6R I . -9.85 27.38 15.38
C4 F6R I . -10.90 27.39 14.25
C5 F6R I . -12.39 27.41 14.66
C6 F6R I . -13.30 27.71 13.49
O1 F6R I . -6.87 26.15 14.16
O3 F6R I . -10.15 28.21 16.48
O4 F6R I . -10.68 28.53 13.41
O5 F6R I . -12.78 26.14 15.17
O6 F6R I . -14.70 27.46 13.84
P F6R I . -15.87 28.11 12.93
O1P F6R I . -16.18 29.47 13.56
O2P F6R I . -17.04 27.15 13.04
O3P F6R I . -15.31 28.23 11.53
C1 F6R J . 4.46 23.00 -20.19
C2 F6R J . 4.55 24.34 -20.84
C3 F6R J . 3.32 25.23 -20.74
C4 F6R J . 2.20 24.53 -21.52
C5 F6R J . 0.81 25.22 -21.55
C6 F6R J . -0.08 24.65 -22.63
O1 F6R J . 5.09 22.99 -18.92
O3 F6R J . 3.64 26.52 -21.20
O4 F6R J . 2.61 24.33 -22.88
O5 F6R J . 0.13 25.02 -20.30
O6 F6R J . -1.33 25.36 -22.73
P F6R J . -2.22 25.19 -24.07
O1P F6R J . -2.00 26.45 -24.89
O2P F6R J . -3.65 25.03 -23.59
O3P F6R J . -1.68 23.94 -24.78
#